data_1X1L
# 
_entry.id   1X1L 
# 
_audit_conform.dict_name       mmcif_pdbx.dic 
_audit_conform.dict_version    5.387 
_audit_conform.dict_location   http://mmcif.pdb.org/dictionaries/ascii/mmcif_pdbx.dic 
# 
loop_
_database_2.database_id 
_database_2.database_code 
_database_2.pdbx_database_accession 
_database_2.pdbx_DOI 
PDB   1X1L         pdb_00001x1l 10.2210/pdb1x1l/pdb 
RCSB  RCSB024263   ?            ?                   
WWPDB D_1000024263 ?            ?                   
# 
loop_
_pdbx_audit_revision_history.ordinal 
_pdbx_audit_revision_history.data_content_type 
_pdbx_audit_revision_history.major_revision 
_pdbx_audit_revision_history.minor_revision 
_pdbx_audit_revision_history.revision_date 
1 'Structure model' 1 0 2005-05-17 
2 'Structure model' 1 1 2008-04-30 
3 'Structure model' 1 2 2011-07-13 
4 'Structure model' 1 3 2019-12-18 
5 'Structure model' 1 4 2024-03-13 
# 
_pdbx_audit_revision_details.ordinal             1 
_pdbx_audit_revision_details.revision_ordinal    1 
_pdbx_audit_revision_details.data_content_type   'Structure model' 
_pdbx_audit_revision_details.provider            repository 
_pdbx_audit_revision_details.type                'Initial release' 
_pdbx_audit_revision_details.description         ? 
_pdbx_audit_revision_details.details             ? 
# 
loop_
_pdbx_audit_revision_group.ordinal 
_pdbx_audit_revision_group.revision_ordinal 
_pdbx_audit_revision_group.data_content_type 
_pdbx_audit_revision_group.group 
1 2 'Structure model' 'Version format compliance' 
2 3 'Structure model' 'Version format compliance' 
3 4 'Structure model' 'Data collection'           
4 4 'Structure model' 'Database references'       
5 5 'Structure model' 'Data collection'           
6 5 'Structure model' 'Database references'       
7 5 'Structure model' 'Refinement description'    
# 
loop_
_pdbx_audit_revision_category.ordinal 
_pdbx_audit_revision_category.revision_ordinal 
_pdbx_audit_revision_category.data_content_type 
_pdbx_audit_revision_category.category 
1 4 'Structure model' database_2                    
2 4 'Structure model' em_image_scans                
3 4 'Structure model' em_software                   
4 5 'Structure model' chem_comp_atom                
5 5 'Structure model' chem_comp_bond                
6 5 'Structure model' database_2                    
7 5 'Structure model' em_3d_fitting_list            
8 5 'Structure model' pdbx_initial_refinement_model 
# 
loop_
_pdbx_audit_revision_item.ordinal 
_pdbx_audit_revision_item.revision_ordinal 
_pdbx_audit_revision_item.data_content_type 
_pdbx_audit_revision_item.item 
1 4 'Structure model' '_em_software.image_processing_id'                
2 5 'Structure model' '_database_2.pdbx_DOI'                            
3 5 'Structure model' '_database_2.pdbx_database_accession'             
4 5 'Structure model' '_em_3d_fitting_list.accession_code'              
5 5 'Structure model' '_em_3d_fitting_list.initial_refinement_model_id' 
6 5 'Structure model' '_em_3d_fitting_list.source_name'                 
7 5 'Structure model' '_em_3d_fitting_list.type'                        
# 
_pdbx_database_status.status_code                     REL 
_pdbx_database_status.entry_id                        1X1L 
_pdbx_database_status.recvd_initial_deposition_date   2005-04-06 
_pdbx_database_status.deposit_site                    PDBJ 
_pdbx_database_status.process_site                    PDBJ 
_pdbx_database_status.status_code_sf                  ? 
_pdbx_database_status.status_code_mr                  ? 
_pdbx_database_status.SG_entry                        ? 
_pdbx_database_status.pdb_format_compatible           Y 
_pdbx_database_status.status_code_cs                  ? 
_pdbx_database_status.methods_development_category    ? 
_pdbx_database_status.status_code_nmr_data            ? 
# 
loop_
_pdbx_database_related.db_name 
_pdbx_database_related.db_id 
_pdbx_database_related.details 
_pdbx_database_related.content_type 
PDB 1FJF 'Structure of the 30S ribosomal subunit'                                                            unspecified 
PDB 1EGA 'Crystal structure of ERA: a GTPase-dependent cell cycle regulator containing an RNA binding motif' unspecified 
PDB 1WF3 'Crystal structure of Era from THERMUS THERMOPHILUS (in preparation)'                               unspecified 
PDB 1X18 'Contact sites of ERA GTPase on the THERMUS THERMOPHILUS 30S SUBUNIT'                               unspecified 
# 
loop_
_audit_author.name 
_audit_author.pdbx_ordinal 
'Sharma, M.R.'  1 
'Barat, C.'     2 
'Agrawal, R.K.' 3 
# 
loop_
_citation.id 
_citation.title 
_citation.journal_abbrev 
_citation.journal_volume 
_citation.page_first 
_citation.page_last 
_citation.year 
_citation.journal_id_ASTM 
_citation.country 
_citation.journal_id_ISSN 
_citation.journal_id_CSD 
_citation.book_publisher 
_citation.pdbx_database_id_PubMed 
_citation.pdbx_database_id_DOI 
primary 'Interaction of Era with the 30S Ribosomal Subunit Implications for 30S Subunit Assembly'           Mol.Cell               
18  319  329  2005 MOCEFL US 1097-2765 2168 ? 15866174 10.1016/j.molcel.2005.03.028 
1       'Structure of the 30S ribosomal subunit'                                                            Nature                 
407 327  339  2000 NATUAS UK 0028-0836 0006 ? 11014170 10.1038/35030006             
2       'Crystal structure of ERA: a GTPase-dependent cell cycle regulator containing an RNA binding motif' Proc.Natl.Acad.Sci.USA 
96  8396 8401 1999 PNASA6 US 0027-8424 0040 ? 10411886 10.1073/pnas.96.15.8396      
3       'Crystal structure of Era from Thermus thermophilus'                                                'To be Published'      
?   ?    ?    ?    ?      ?  ?         0353 ? ?        ?                            
# 
loop_
_citation_author.citation_id 
_citation_author.name 
_citation_author.ordinal 
_citation_author.identifier_ORCID 
primary 'Sharma, M.R.'        1  ? 
primary 'Barat, C.'           2  ? 
primary 'Wilson, D.N.'        3  ? 
primary 'Booth, T.M.'         4  ? 
primary 'Kawazoe, M.'         5  ? 
primary 'Hori-Takemoto, C.'   6  ? 
primary 'Shirouzu, M.'        7  ? 
primary 'Yokoyama, S.'        8  ? 
primary 'Fucini, P.'          9  ? 
primary 'Agrawal, R.K.'       10 ? 
1       'Wimberly, B.T.'      11 ? 
1       'Brodersen, D.E.'     12 ? 
1       'Clemons Jr., W.M.'   13 ? 
1       'Morgan-Warren, R.J.' 14 ? 
1       'Carter, A.P.'        15 ? 
1       'Vonrhein, C.'        16 ? 
1       'Hartsch, T.'         17 ? 
1       'Ramakrishnan, V.'    18 ? 
2       'Chen, X.'            19 ? 
2       'Court, D.L.'         20 ? 
2       'Ji, X.'              21 ? 
3       'Kawazoe, M.'         22 ? 
3       'Takemoto, C.'        23 ? 
3       'Kaminishi, T.'       24 ? 
3       'Sekine, S.'          25 ? 
3       'Shirouzu, M.'        26 ? 
3       'Fucini, P.'          27 ? 
3       'Agrawal, R.K.'       28 ? 
3       'Yokoyama, S.'        29 ? 
# 
loop_
_entity.id 
_entity.type 
_entity.src_method 
_entity.pdbx_description 
_entity.formula_weight 
_entity.pdbx_number_of_molecules 
_entity.pdbx_ec 
_entity.pdbx_mutation 
_entity.pdbx_fragment 
_entity.details 
1 polymer nat 'RNA (130-MER)'           42303.242 1 ? ? ? ? 
2 polymer nat 'GTP-binding protein era' 33858.078 1 ? ? ? ? 
# 
loop_
_entity_poly.entity_id 
_entity_poly.type 
_entity_poly.nstd_linkage 
_entity_poly.nstd_monomer 
_entity_poly.pdbx_seq_one_letter_code 
_entity_poly.pdbx_seq_one_letter_code_can 
_entity_poly.pdbx_strand_id 
_entity_poly.pdbx_target_identifier 
1 polyribonucleotide no no 
;CGCCCGUCACGCCAUGGGAGCGGGCUCUACCCGAAGUCGCCGGGAGCCUACGGGCAGGCGCCGAGGGUAGGGCCCGUGAC
UGGGGCGAAGUCGUAACAAGGUAGCUGUACCGGAAGGUGCGGCUGGAUCA
;
;CGCCCGUCACGCCAUGGGAGCGGGCUCUACCCGAAGUCGCCGGGAGCCUACGGGCAGGCGCCGAGGGUAGGGCCCGUGAC
UGGGGCGAAGUCGUAACAAGGUAGCUGUACCGGAAGGUGCGGCUGGAUCA
;
A ? 
2 'polypeptide(L)'   no no 
;MSIDKSYCGFIAIVGRPNVGKSTLLNKLLGQKISITSRKAQTTRHRIVGIHTEGAYQAIYVDTPGLHMEEKRAINRLMNK
AASSSIGDVELVIFVVEGTRWTPDDEMVLNKLREGKAPVILAVNKVDNVQEKADLLPHLQFLASQMNFLDIVPISAETGL
NVDTIAAIVRKHLPEATHHFPEDYITDRSQRFMASEIIREKLMRFLGAELPYSVTVEIERFVSNERGGYDINGLILVERE
GQKKMVIGNKGAKIKTIGIEARKDMQEMFEAPVHLELWVKVKSGWADDERALRSLGYVDDL
;
;MSIDKSYCGFIAIVGRPNVGKSTLLNKLLGQKISITSRKAQTTRHRIVGIHTEGAYQAIYVDTPGLHMEEKRAINRLMNK
AASSSIGDVELVIFVVEGTRWTPDDEMVLNKLREGKAPVILAVNKVDNVQEKADLLPHLQFLASQMNFLDIVPISAETGL
NVDTIAAIVRKHLPEATHHFPEDYITDRSQRFMASEIIREKLMRFLGAELPYSVTVEIERFVSNERGGYDINGLILVERE
GQKKMVIGNKGAKIKTIGIEARKDMQEMFEAPVHLELWVKVKSGWADDERALRSLGYVDDL
;
X ? 
# 
loop_
_entity_poly_seq.entity_id 
_entity_poly_seq.num 
_entity_poly_seq.mon_id 
_entity_poly_seq.hetero 
1 1   C   n 
1 2   G   n 
1 3   C   n 
1 4   C   n 
1 5   C   n 
1 6   G   n 
1 7   U   n 
1 8   C   n 
1 9   A   n 
1 10  C   n 
1 11  G   n 
1 12  C   n 
1 13  C   n 
1 14  A   n 
1 15  U   n 
1 16  G   n 
1 17  G   n 
1 18  G   n 
1 19  A   n 
1 20  G   n 
1 21  C   n 
1 22  G   n 
1 23  G   n 
1 24  G   n 
1 25  C   n 
1 26  U   n 
1 27  C   n 
1 28  U   n 
1 29  A   n 
1 30  C   n 
1 31  C   n 
1 32  C   n 
1 33  G   n 
1 34  A   n 
1 35  A   n 
1 36  G   n 
1 37  U   n 
1 38  C   n 
1 39  G   n 
1 40  C   n 
1 41  C   n 
1 42  G   n 
1 43  G   n 
1 44  G   n 
1 45  A   n 
1 46  G   n 
1 47  C   n 
1 48  C   n 
1 49  U   n 
1 50  A   n 
1 51  C   n 
1 52  G   n 
1 53  G   n 
1 54  G   n 
1 55  C   n 
1 56  A   n 
1 57  G   n 
1 58  G   n 
1 59  C   n 
1 60  G   n 
1 61  C   n 
1 62  C   n 
1 63  G   n 
1 64  A   n 
1 65  G   n 
1 66  G   n 
1 67  G   n 
1 68  U   n 
1 69  A   n 
1 70  G   n 
1 71  G   n 
1 72  G   n 
1 73  C   n 
1 74  C   n 
1 75  C   n 
1 76  G   n 
1 77  U   n 
1 78  G   n 
1 79  A   n 
1 80  C   n 
1 81  U   n 
1 82  G   n 
1 83  G   n 
1 84  G   n 
1 85  G   n 
1 86  C   n 
1 87  G   n 
1 88  A   n 
1 89  A   n 
1 90  G   n 
1 91  U   n 
1 92  C   n 
1 93  G   n 
1 94  U   n 
1 95  A   n 
1 96  A   n 
1 97  C   n 
1 98  A   n 
1 99  A   n 
1 100 G   n 
1 101 G   n 
1 102 U   n 
1 103 A   n 
1 104 G   n 
1 105 C   n 
1 106 U   n 
1 107 G   n 
1 108 U   n 
1 109 A   n 
1 110 C   n 
1 111 C   n 
1 112 G   n 
1 113 G   n 
1 114 A   n 
1 115 A   n 
1 116 G   n 
1 117 G   n 
1 118 U   n 
1 119 G   n 
1 120 C   n 
1 121 G   n 
1 122 G   n 
1 123 C   n 
1 124 U   n 
1 125 G   n 
1 126 G   n 
1 127 A   n 
1 128 U   n 
1 129 C   n 
1 130 A   n 
2 1   MET n 
2 2   SER n 
2 3   ILE n 
2 4   ASP n 
2 5   LYS n 
2 6   SER n 
2 7   TYR n 
2 8   CYS n 
2 9   GLY n 
2 10  PHE n 
2 11  ILE n 
2 12  ALA n 
2 13  ILE n 
2 14  VAL n 
2 15  GLY n 
2 16  ARG n 
2 17  PRO n 
2 18  ASN n 
2 19  VAL n 
2 20  GLY n 
2 21  LYS n 
2 22  SER n 
2 23  THR n 
2 24  LEU n 
2 25  LEU n 
2 26  ASN n 
2 27  LYS n 
2 28  LEU n 
2 29  LEU n 
2 30  GLY n 
2 31  GLN n 
2 32  LYS n 
2 33  ILE n 
2 34  SER n 
2 35  ILE n 
2 36  THR n 
2 37  SER n 
2 38  ARG n 
2 39  LYS n 
2 40  ALA n 
2 41  GLN n 
2 42  THR n 
2 43  THR n 
2 44  ARG n 
2 45  HIS n 
2 46  ARG n 
2 47  ILE n 
2 48  VAL n 
2 49  GLY n 
2 50  ILE n 
2 51  HIS n 
2 52  THR n 
2 53  GLU n 
2 54  GLY n 
2 55  ALA n 
2 56  TYR n 
2 57  GLN n 
2 58  ALA n 
2 59  ILE n 
2 60  TYR n 
2 61  VAL n 
2 62  ASP n 
2 63  THR n 
2 64  PRO n 
2 65  GLY n 
2 66  LEU n 
2 67  HIS n 
2 68  MET n 
2 69  GLU n 
2 70  GLU n 
2 71  LYS n 
2 72  ARG n 
2 73  ALA n 
2 74  ILE n 
2 75  ASN n 
2 76  ARG n 
2 77  LEU n 
2 78  MET n 
2 79  ASN n 
2 80  LYS n 
2 81  ALA n 
2 82  ALA n 
2 83  SER n 
2 84  SER n 
2 85  SER n 
2 86  ILE n 
2 87  GLY n 
2 88  ASP n 
2 89  VAL n 
2 90  GLU n 
2 91  LEU n 
2 92  VAL n 
2 93  ILE n 
2 94  PHE n 
2 95  VAL n 
2 96  VAL n 
2 97  GLU n 
2 98  GLY n 
2 99  THR n 
2 100 ARG n 
2 101 TRP n 
2 102 THR n 
2 103 PRO n 
2 104 ASP n 
2 105 ASP n 
2 106 GLU n 
2 107 MET n 
2 108 VAL n 
2 109 LEU n 
2 110 ASN n 
2 111 LYS n 
2 112 LEU n 
2 113 ARG n 
2 114 GLU n 
2 115 GLY n 
2 116 LYS n 
2 117 ALA n 
2 118 PRO n 
2 119 VAL n 
2 120 ILE n 
2 121 LEU n 
2 122 ALA n 
2 123 VAL n 
2 124 ASN n 
2 125 LYS n 
2 126 VAL n 
2 127 ASP n 
2 128 ASN n 
2 129 VAL n 
2 130 GLN n 
2 131 GLU n 
2 132 LYS n 
2 133 ALA n 
2 134 ASP n 
2 135 LEU n 
2 136 LEU n 
2 137 PRO n 
2 138 HIS n 
2 139 LEU n 
2 140 GLN n 
2 141 PHE n 
2 142 LEU n 
2 143 ALA n 
2 144 SER n 
2 145 GLN n 
2 146 MET n 
2 147 ASN n 
2 148 PHE n 
2 149 LEU n 
2 150 ASP n 
2 151 ILE n 
2 152 VAL n 
2 153 PRO n 
2 154 ILE n 
2 155 SER n 
2 156 ALA n 
2 157 GLU n 
2 158 THR n 
2 159 GLY n 
2 160 LEU n 
2 161 ASN n 
2 162 VAL n 
2 163 ASP n 
2 164 THR n 
2 165 ILE n 
2 166 ALA n 
2 167 ALA n 
2 168 ILE n 
2 169 VAL n 
2 170 ARG n 
2 171 LYS n 
2 172 HIS n 
2 173 LEU n 
2 174 PRO n 
2 175 GLU n 
2 176 ALA n 
2 177 THR n 
2 178 HIS n 
2 179 HIS n 
2 180 PHE n 
2 181 PRO n 
2 182 GLU n 
2 183 ASP n 
2 184 TYR n 
2 185 ILE n 
2 186 THR n 
2 187 ASP n 
2 188 ARG n 
2 189 SER n 
2 190 GLN n 
2 191 ARG n 
2 192 PHE n 
2 193 MET n 
2 194 ALA n 
2 195 SER n 
2 196 GLU n 
2 197 ILE n 
2 198 ILE n 
2 199 ARG n 
2 200 GLU n 
2 201 LYS n 
2 202 LEU n 
2 203 MET n 
2 204 ARG n 
2 205 PHE n 
2 206 LEU n 
2 207 GLY n 
2 208 ALA n 
2 209 GLU n 
2 210 LEU n 
2 211 PRO n 
2 212 TYR n 
2 213 SER n 
2 214 VAL n 
2 215 THR n 
2 216 VAL n 
2 217 GLU n 
2 218 ILE n 
2 219 GLU n 
2 220 ARG n 
2 221 PHE n 
2 222 VAL n 
2 223 SER n 
2 224 ASN n 
2 225 GLU n 
2 226 ARG n 
2 227 GLY n 
2 228 GLY n 
2 229 TYR n 
2 230 ASP n 
2 231 ILE n 
2 232 ASN n 
2 233 GLY n 
2 234 LEU n 
2 235 ILE n 
2 236 LEU n 
2 237 VAL n 
2 238 GLU n 
2 239 ARG n 
2 240 GLU n 
2 241 GLY n 
2 242 GLN n 
2 243 LYS n 
2 244 LYS n 
2 245 MET n 
2 246 VAL n 
2 247 ILE n 
2 248 GLY n 
2 249 ASN n 
2 250 LYS n 
2 251 GLY n 
2 252 ALA n 
2 253 LYS n 
2 254 ILE n 
2 255 LYS n 
2 256 THR n 
2 257 ILE n 
2 258 GLY n 
2 259 ILE n 
2 260 GLU n 
2 261 ALA n 
2 262 ARG n 
2 263 LYS n 
2 264 ASP n 
2 265 MET n 
2 266 GLN n 
2 267 GLU n 
2 268 MET n 
2 269 PHE n 
2 270 GLU n 
2 271 ALA n 
2 272 PRO n 
2 273 VAL n 
2 274 HIS n 
2 275 LEU n 
2 276 GLU n 
2 277 LEU n 
2 278 TRP n 
2 279 VAL n 
2 280 LYS n 
2 281 VAL n 
2 282 LYS n 
2 283 SER n 
2 284 GLY n 
2 285 TRP n 
2 286 ALA n 
2 287 ASP n 
2 288 ASP n 
2 289 GLU n 
2 290 ARG n 
2 291 ALA n 
2 292 LEU n 
2 293 ARG n 
2 294 SER n 
2 295 LEU n 
2 296 GLY n 
2 297 TYR n 
2 298 VAL n 
2 299 ASP n 
2 300 ASP n 
2 301 LEU n 
# 
loop_
_entity_src_nat.entity_id 
_entity_src_nat.pdbx_src_id 
_entity_src_nat.pdbx_alt_source_flag 
_entity_src_nat.pdbx_beg_seq_num 
_entity_src_nat.pdbx_end_seq_num 
_entity_src_nat.common_name 
_entity_src_nat.pdbx_organism_scientific 
_entity_src_nat.pdbx_ncbi_taxonomy_id 
_entity_src_nat.genus 
_entity_src_nat.species 
_entity_src_nat.strain 
_entity_src_nat.tissue 
_entity_src_nat.tissue_fraction 
_entity_src_nat.pdbx_secretion 
_entity_src_nat.pdbx_fragment 
_entity_src_nat.pdbx_variant 
_entity_src_nat.pdbx_cell_line 
_entity_src_nat.pdbx_atcc 
_entity_src_nat.pdbx_cellular_location 
_entity_src_nat.pdbx_organ 
_entity_src_nat.pdbx_organelle 
_entity_src_nat.pdbx_cell 
_entity_src_nat.pdbx_plasmid_name 
_entity_src_nat.pdbx_plasmid_details 
_entity_src_nat.details 
1 1 sample ? ? ? 'Thermus thermophilus' 274 Thermus     ? ? ? ? ? ? ? ? ? ? ? ? ? ? ? ? 
2 1 sample ? ? ? 'Escherichia coli'     562 Escherichia ? ? ? ? ? ? ? ? ? ? ? ? ? ? ? ? 
# 
loop_
_chem_comp.id 
_chem_comp.type 
_chem_comp.mon_nstd_flag 
_chem_comp.name 
_chem_comp.pdbx_synonyms 
_chem_comp.formula 
_chem_comp.formula_weight 
A   'RNA linking'       y "ADENOSINE-5'-MONOPHOSPHATE" ? 'C10 H14 N5 O7 P' 347.221 
ALA 'L-peptide linking' y ALANINE                      ? 'C3 H7 N O2'      89.093  
ARG 'L-peptide linking' y ARGININE                     ? 'C6 H15 N4 O2 1'  175.209 
ASN 'L-peptide linking' y ASPARAGINE                   ? 'C4 H8 N2 O3'     132.118 
ASP 'L-peptide linking' y 'ASPARTIC ACID'              ? 'C4 H7 N O4'      133.103 
C   'RNA linking'       y "CYTIDINE-5'-MONOPHOSPHATE"  ? 'C9 H14 N3 O8 P'  323.197 
CYS 'L-peptide linking' y CYSTEINE                     ? 'C3 H7 N O2 S'    121.158 
G   'RNA linking'       y "GUANOSINE-5'-MONOPHOSPHATE" ? 'C10 H14 N5 O8 P' 363.221 
GLN 'L-peptide linking' y GLUTAMINE                    ? 'C5 H10 N2 O3'    146.144 
GLU 'L-peptide linking' y 'GLUTAMIC ACID'              ? 'C5 H9 N O4'      147.129 
GLY 'peptide linking'   y GLYCINE                      ? 'C2 H5 N O2'      75.067  
HIS 'L-peptide linking' y HISTIDINE                    ? 'C6 H10 N3 O2 1'  156.162 
ILE 'L-peptide linking' y ISOLEUCINE                   ? 'C6 H13 N O2'     131.173 
LEU 'L-peptide linking' y LEUCINE                      ? 'C6 H13 N O2'     131.173 
LYS 'L-peptide linking' y LYSINE                       ? 'C6 H15 N2 O2 1'  147.195 
MET 'L-peptide linking' y METHIONINE                   ? 'C5 H11 N O2 S'   149.211 
PHE 'L-peptide linking' y PHENYLALANINE                ? 'C9 H11 N O2'     165.189 
PRO 'L-peptide linking' y PROLINE                      ? 'C5 H9 N O2'      115.130 
SER 'L-peptide linking' y SERINE                       ? 'C3 H7 N O3'      105.093 
THR 'L-peptide linking' y THREONINE                    ? 'C4 H9 N O3'      119.119 
TRP 'L-peptide linking' y TRYPTOPHAN                   ? 'C11 H12 N2 O2'   204.225 
TYR 'L-peptide linking' y TYROSINE                     ? 'C9 H11 N O3'     181.189 
U   'RNA linking'       y "URIDINE-5'-MONOPHOSPHATE"   ? 'C9 H13 N2 O9 P'  324.181 
VAL 'L-peptide linking' y VALINE                       ? 'C5 H11 N O2'     117.146 
# 
loop_
_pdbx_poly_seq_scheme.asym_id 
_pdbx_poly_seq_scheme.entity_id 
_pdbx_poly_seq_scheme.seq_id 
_pdbx_poly_seq_scheme.mon_id 
_pdbx_poly_seq_scheme.ndb_seq_num 
_pdbx_poly_seq_scheme.pdb_seq_num 
_pdbx_poly_seq_scheme.auth_seq_num 
_pdbx_poly_seq_scheme.pdb_mon_id 
_pdbx_poly_seq_scheme.auth_mon_id 
_pdbx_poly_seq_scheme.pdb_strand_id 
_pdbx_poly_seq_scheme.pdb_ins_code 
_pdbx_poly_seq_scheme.hetero 
A 1 1   C   1   400 400 C   C   A . n 
A 1 2   G   2   401 401 G   G   A . n 
A 1 3   C   3   402 402 C   C   A . n 
A 1 4   C   4   403 403 C   C   A . n 
A 1 5   C   5   404 404 C   C   A . n 
A 1 6   G   6   405 405 G   G   A . n 
A 1 7   U   7   406 406 U   U   A . n 
A 1 8   C   8   407 407 C   C   A . n 
A 1 9   A   9   408 408 A   A   A . n 
A 1 10  C   10  409 409 C   C   A . n 
A 1 11  G   11  410 410 G   G   A . n 
A 1 12  C   12  411 411 C   C   A . n 
A 1 13  C   13  412 412 C   C   A . n 
A 1 14  A   14  413 413 A   A   A . n 
A 1 15  U   15  414 414 U   U   A . n 
A 1 16  G   16  415 415 G   G   A . n 
A 1 17  G   17  416 416 G   G   A . n 
A 1 18  G   18  417 417 G   G   A . n 
A 1 19  A   19  418 418 A   A   A . n 
A 1 20  G   20  419 419 G   G   A . n 
A 1 21  C   21  420 420 C   C   A . n 
A 1 22  G   22  421 421 G   G   A . n 
A 1 23  G   23  422 422 G   G   A . n 
A 1 24  G   24  423 423 G   G   A . n 
A 1 25  C   25  424 424 C   C   A . n 
A 1 26  U   26  425 425 U   U   A . n 
A 1 27  C   27  426 426 C   C   A . n 
A 1 28  U   28  427 427 U   U   A . n 
A 1 29  A   29  428 428 A   A   A . n 
A 1 30  C   30  429 429 C   C   A . n 
A 1 31  C   31  430 430 C   C   A . n 
A 1 32  C   32  431 431 C   C   A . n 
A 1 33  G   33  432 432 G   G   A . n 
A 1 34  A   34  433 433 A   A   A . n 
A 1 35  A   35  434 434 A   A   A . n 
A 1 36  G   36  435 435 G   G   A . n 
A 1 37  U   37  436 436 U   U   A . n 
A 1 38  C   38  437 437 C   C   A . n 
A 1 39  G   39  438 438 G   G   A . n 
A 1 40  C   40  439 439 C   C   A . n 
A 1 41  C   41  440 440 C   C   A . n 
A 1 42  G   42  441 441 G   G   A . n 
A 1 43  G   43  442 442 G   G   A . n 
A 1 44  G   44  443 443 G   G   A . n 
A 1 45  A   45  446 446 A   A   A . n 
A 1 46  G   46  447 447 G   G   A . n 
A 1 47  C   47  448 448 C   C   A . n 
A 1 48  C   48  449 449 C   C   A . n 
A 1 49  U   49  450 450 U   U   A . n 
A 1 50  A   50  451 451 A   A   A . n 
A 1 51  C   51  452 452 C   C   A . n 
A 1 52  G   52  453 453 G   G   A . n 
A 1 53  G   53  454 454 G   G   A . n 
A 1 54  G   54  455 455 G   G   A . n 
A 1 55  C   55  459 459 C   C   A . n 
A 1 56  A   56  460 460 A   A   A . n 
A 1 57  G   57  461 461 G   G   A . n 
A 1 58  G   58  462 462 G   G   A . n 
A 1 59  C   59  463 463 C   C   A . n 
A 1 60  G   60  464 464 G   G   A . n 
A 1 61  C   61  465 465 C   C   A . n 
A 1 62  C   62  466 466 C   C   A . n 
A 1 63  G   63  467 467 G   G   A . n 
A 1 64  A   64  468 468 A   A   A . n 
A 1 65  G   65  469 469 G   G   A . n 
A 1 66  G   66  470 470 G   G   A . n 
A 1 67  G   67  471 471 G   G   A . n 
A 1 68  U   68  472 472 U   U   A . n 
A 1 69  A   69  473 473 A   A   A . n 
A 1 70  G   70  474 474 G   G   A . n 
A 1 71  G   71  475 475 G   G   A . n 
A 1 72  G   72  476 476 G   G   A . n 
A 1 73  C   73  477 477 C   C   A . n 
A 1 74  C   74  478 478 C   C   A . n 
A 1 75  C   75  479 479 C   C   A . n 
A 1 76  G   76  480 480 G   G   A . n 
A 1 77  U   77  481 481 U   U   A . n 
A 1 78  G   78  482 482 G   G   A . n 
A 1 79  A   79  483 483 A   A   A . n 
A 1 80  C   80  484 484 C   C   A . n 
A 1 81  U   81  485 485 U   U   A . n 
A 1 82  G   82  486 486 G   G   A . n 
A 1 83  G   83  487 487 G   G   A . n 
A 1 84  G   84  488 488 G   G   A . n 
A 1 85  G   85  489 489 G   G   A . n 
A 1 86  C   86  490 490 C   C   A . n 
A 1 87  G   87  491 491 G   G   A . n 
A 1 88  A   88  492 492 A   A   A . n 
A 1 89  A   89  493 493 A   A   A . n 
A 1 90  G   90  494 494 G   G   A . n 
A 1 91  U   91  495 495 U   U   A . n 
A 1 92  C   92  496 496 C   C   A . n 
A 1 93  G   93  497 497 G   G   A . n 
A 1 94  U   94  498 498 U   U   A . n 
A 1 95  A   95  499 499 A   A   A . n 
A 1 96  A   96  500 500 A   A   A . n 
A 1 97  C   97  501 501 C   C   A . n 
A 1 98  A   98  502 502 A   A   A . n 
A 1 99  A   99  503 503 A   A   A . n 
A 1 100 G   100 504 504 G   G   A . n 
A 1 101 G   101 505 505 G   G   A . n 
A 1 102 U   102 506 506 U   U   A . n 
A 1 103 A   103 507 507 A   A   A . n 
A 1 104 G   104 508 508 G   G   A . n 
A 1 105 C   105 509 509 C   C   A . n 
A 1 106 U   106 510 510 U   U   A . n 
A 1 107 G   107 511 511 G   G   A . n 
A 1 108 U   108 512 512 U   U   A . n 
A 1 109 A   109 513 513 A   A   A . n 
A 1 110 C   110 514 514 C   C   A . n 
A 1 111 C   111 515 515 C   C   A . n 
A 1 112 G   112 516 516 G   G   A . n 
A 1 113 G   113 517 517 G   G   A . n 
A 1 114 A   114 518 518 A   A   A . n 
A 1 115 A   115 519 519 A   A   A . n 
A 1 116 G   116 520 520 G   G   A . n 
A 1 117 G   117 521 521 G   G   A . n 
A 1 118 U   118 522 522 U   U   A . n 
A 1 119 G   119 523 523 G   G   A . n 
A 1 120 C   120 524 524 C   C   A . n 
A 1 121 G   121 525 525 G   G   A . n 
A 1 122 G   122 526 526 G   G   A . n 
A 1 123 C   123 527 527 C   C   A . n 
A 1 124 U   124 528 528 U   U   A . n 
A 1 125 G   125 529 529 G   G   A . n 
A 1 126 G   126 530 530 G   G   A . n 
A 1 127 A   127 531 531 A   A   A . n 
A 1 128 U   128 532 532 U   U   A . n 
A 1 129 C   129 533 533 C   C   A . n 
A 1 130 A   130 534 534 A   A   A . n 
B 2 1   MET 1   1   ?   ?   ?   X . n 
B 2 2   SER 2   2   ?   ?   ?   X . n 
B 2 3   ILE 3   3   ?   ?   ?   X . n 
B 2 4   ASP 4   4   4   ASP ASP X . n 
B 2 5   LYS 5   5   5   LYS LYS X . n 
B 2 6   SER 6   6   6   SER SER X . n 
B 2 7   TYR 7   7   7   TYR TYR X . n 
B 2 8   CYS 8   8   8   CYS CYS X . n 
B 2 9   GLY 9   9   9   GLY GLY X . n 
B 2 10  PHE 10  10  10  PHE PHE X . n 
B 2 11  ILE 11  11  11  ILE ILE X . n 
B 2 12  ALA 12  12  12  ALA ALA X . n 
B 2 13  ILE 13  13  13  ILE ILE X . n 
B 2 14  VAL 14  14  14  VAL VAL X . n 
B 2 15  GLY 15  15  15  GLY GLY X . n 
B 2 16  ARG 16  16  16  ARG ARG X . n 
B 2 17  PRO 17  17  17  PRO PRO X . n 
B 2 18  ASN 18  18  18  ASN ASN X . n 
B 2 19  VAL 19  19  19  VAL VAL X . n 
B 2 20  GLY 20  20  20  GLY GLY X . n 
B 2 21  LYS 21  21  21  LYS LYS X . n 
B 2 22  SER 22  22  22  SER SER X . n 
B 2 23  THR 23  23  23  THR THR X . n 
B 2 24  LEU 24  24  24  LEU LEU X . n 
B 2 25  LEU 25  25  25  LEU LEU X . n 
B 2 26  ASN 26  26  26  ASN ASN X . n 
B 2 27  LYS 27  27  27  LYS LYS X . n 
B 2 28  LEU 28  28  28  LEU LEU X . n 
B 2 29  LEU 29  29  29  LEU LEU X . n 
B 2 30  GLY 30  30  30  GLY GLY X . n 
B 2 31  GLN 31  31  31  GLN GLN X . n 
B 2 32  LYS 32  32  32  LYS LYS X . n 
B 2 33  ILE 33  33  33  ILE ILE X . n 
B 2 34  SER 34  34  34  SER SER X . n 
B 2 35  ILE 35  35  35  ILE ILE X . n 
B 2 36  THR 36  36  36  THR THR X . n 
B 2 37  SER 37  37  37  SER SER X . n 
B 2 38  ARG 38  38  38  ARG ARG X . n 
B 2 39  LYS 39  39  39  LYS LYS X . n 
B 2 40  ALA 40  40  40  ALA ALA X . n 
B 2 41  GLN 41  41  41  GLN GLN X . n 
B 2 42  THR 42  42  42  THR THR X . n 
B 2 43  THR 43  43  43  THR THR X . n 
B 2 44  ARG 44  44  44  ARG ARG X . n 
B 2 45  HIS 45  45  45  HIS HIS X . n 
B 2 46  ARG 46  46  46  ARG ARG X . n 
B 2 47  ILE 47  47  47  ILE ILE X . n 
B 2 48  VAL 48  48  48  VAL VAL X . n 
B 2 49  GLY 49  49  49  GLY GLY X . n 
B 2 50  ILE 50  50  50  ILE ILE X . n 
B 2 51  HIS 51  51  51  HIS HIS X . n 
B 2 52  THR 52  52  52  THR THR X . n 
B 2 53  GLU 53  53  53  GLU GLU X . n 
B 2 54  GLY 54  54  54  GLY GLY X . n 
B 2 55  ALA 55  55  55  ALA ALA X . n 
B 2 56  TYR 56  56  56  TYR TYR X . n 
B 2 57  GLN 57  57  57  GLN GLN X . n 
B 2 58  ALA 58  58  58  ALA ALA X . n 
B 2 59  ILE 59  59  59  ILE ILE X . n 
B 2 60  TYR 60  60  60  TYR TYR X . n 
B 2 61  VAL 61  61  61  VAL VAL X . n 
B 2 62  ASP 62  62  62  ASP ASP X . n 
B 2 63  THR 63  63  63  THR THR X . n 
B 2 64  PRO 64  64  64  PRO PRO X . n 
B 2 65  GLY 65  65  65  GLY GLY X . n 
B 2 66  LEU 66  66  66  LEU LEU X . n 
B 2 67  HIS 67  67  67  HIS HIS X . n 
B 2 68  MET 68  68  68  MET MET X . n 
B 2 69  GLU 69  69  69  GLU GLU X . n 
B 2 70  GLU 70  70  70  GLU GLU X . n 
B 2 71  LYS 71  71  71  LYS LYS X . n 
B 2 72  ARG 72  72  72  ARG ARG X . n 
B 2 73  ALA 73  73  73  ALA ALA X . n 
B 2 74  ILE 74  74  74  ILE ILE X . n 
B 2 75  ASN 75  75  75  ASN ASN X . n 
B 2 76  ARG 76  76  76  ARG ARG X . n 
B 2 77  LEU 77  77  77  LEU LEU X . n 
B 2 78  MET 78  78  78  MET MET X . n 
B 2 79  ASN 79  79  79  ASN ASN X . n 
B 2 80  LYS 80  80  80  LYS LYS X . n 
B 2 81  ALA 81  81  81  ALA ALA X . n 
B 2 82  ALA 82  82  82  ALA ALA X . n 
B 2 83  SER 83  83  83  SER SER X . n 
B 2 84  SER 84  84  84  SER SER X . n 
B 2 85  SER 85  85  85  SER SER X . n 
B 2 86  ILE 86  86  86  ILE ILE X . n 
B 2 87  GLY 87  87  87  GLY GLY X . n 
B 2 88  ASP 88  88  88  ASP ASP X . n 
B 2 89  VAL 89  89  89  VAL VAL X . n 
B 2 90  GLU 90  90  90  GLU GLU X . n 
B 2 91  LEU 91  91  91  LEU LEU X . n 
B 2 92  VAL 92  92  92  VAL VAL X . n 
B 2 93  ILE 93  93  93  ILE ILE X . n 
B 2 94  PHE 94  94  94  PHE PHE X . n 
B 2 95  VAL 95  95  95  VAL VAL X . n 
B 2 96  VAL 96  96  96  VAL VAL X . n 
B 2 97  GLU 97  97  97  GLU GLU X . n 
B 2 98  GLY 98  98  98  GLY GLY X . n 
B 2 99  THR 99  99  99  THR THR X . n 
B 2 100 ARG 100 100 100 ARG ARG X . n 
B 2 101 TRP 101 101 101 TRP TRP X . n 
B 2 102 THR 102 102 102 THR THR X . n 
B 2 103 PRO 103 103 103 PRO PRO X . n 
B 2 104 ASP 104 104 104 ASP ASP X . n 
B 2 105 ASP 105 105 105 ASP ASP X . n 
B 2 106 GLU 106 106 106 GLU GLU X . n 
B 2 107 MET 107 107 107 MET MET X . n 
B 2 108 VAL 108 108 108 VAL VAL X . n 
B 2 109 LEU 109 109 109 LEU LEU X . n 
B 2 110 ASN 110 110 110 ASN ASN X . n 
B 2 111 LYS 111 111 111 LYS LYS X . n 
B 2 112 LEU 112 112 112 LEU LEU X . n 
B 2 113 ARG 113 113 113 ARG ARG X . n 
B 2 114 GLU 114 114 114 GLU GLU X . n 
B 2 115 GLY 115 115 115 GLY GLY X . n 
B 2 116 LYS 116 116 116 LYS LYS X . n 
B 2 117 ALA 117 117 117 ALA ALA X . n 
B 2 118 PRO 118 118 118 PRO PRO X . n 
B 2 119 VAL 119 119 119 VAL VAL X . n 
B 2 120 ILE 120 120 120 ILE ILE X . n 
B 2 121 LEU 121 121 121 LEU LEU X . n 
B 2 122 ALA 122 122 122 ALA ALA X . n 
B 2 123 VAL 123 123 123 VAL VAL X . n 
B 2 124 ASN 124 124 124 ASN ASN X . n 
B 2 125 LYS 125 125 125 LYS LYS X . n 
B 2 126 VAL 126 126 126 VAL VAL X . n 
B 2 127 ASP 127 127 127 ASP ASP X . n 
B 2 128 ASN 128 128 128 ASN ASN X . n 
B 2 129 VAL 129 129 129 VAL VAL X . n 
B 2 130 GLN 130 130 130 GLN GLN X . n 
B 2 131 GLU 131 131 131 GLU GLU X . n 
B 2 132 LYS 132 132 132 LYS LYS X . n 
B 2 133 ALA 133 133 133 ALA ALA X . n 
B 2 134 ASP 134 134 134 ASP ASP X . n 
B 2 135 LEU 135 135 135 LEU LEU X . n 
B 2 136 LEU 136 136 136 LEU LEU X . n 
B 2 137 PRO 137 137 137 PRO PRO X . n 
B 2 138 HIS 138 138 138 HIS HIS X . n 
B 2 139 LEU 139 139 139 LEU LEU X . n 
B 2 140 GLN 140 140 140 GLN GLN X . n 
B 2 141 PHE 141 141 141 PHE PHE X . n 
B 2 142 LEU 142 142 142 LEU LEU X . n 
B 2 143 ALA 143 143 143 ALA ALA X . n 
B 2 144 SER 144 144 144 SER SER X . n 
B 2 145 GLN 145 145 145 GLN GLN X . n 
B 2 146 MET 146 146 146 MET MET X . n 
B 2 147 ASN 147 147 147 ASN ASN X . n 
B 2 148 PHE 148 148 148 PHE PHE X . n 
B 2 149 LEU 149 149 149 LEU LEU X . n 
B 2 150 ASP 150 150 150 ASP ASP X . n 
B 2 151 ILE 151 151 151 ILE ILE X . n 
B 2 152 VAL 152 152 152 VAL VAL X . n 
B 2 153 PRO 153 153 153 PRO PRO X . n 
B 2 154 ILE 154 154 154 ILE ILE X . n 
B 2 155 SER 155 155 155 SER SER X . n 
B 2 156 ALA 156 156 156 ALA ALA X . n 
B 2 157 GLU 157 157 157 GLU GLU X . n 
B 2 158 THR 158 158 158 THR THR X . n 
B 2 159 GLY 159 159 159 GLY GLY X . n 
B 2 160 LEU 160 160 160 LEU LEU X . n 
B 2 161 ASN 161 161 161 ASN ASN X . n 
B 2 162 VAL 162 162 162 VAL VAL X . n 
B 2 163 ASP 163 163 163 ASP ASP X . n 
B 2 164 THR 164 164 164 THR THR X . n 
B 2 165 ILE 165 165 165 ILE ILE X . n 
B 2 166 ALA 166 166 166 ALA ALA X . n 
B 2 167 ALA 167 167 167 ALA ALA X . n 
B 2 168 ILE 168 168 168 ILE ILE X . n 
B 2 169 VAL 169 169 169 VAL VAL X . n 
B 2 170 ARG 170 170 170 ARG ARG X . n 
B 2 171 LYS 171 171 171 LYS LYS X . n 
B 2 172 HIS 172 172 172 HIS HIS X . n 
B 2 173 LEU 173 173 173 LEU LEU X . n 
B 2 174 PRO 174 174 174 PRO PRO X . n 
B 2 175 GLU 175 175 175 GLU GLU X . n 
B 2 176 ALA 176 176 176 ALA ALA X . n 
B 2 177 THR 177 177 177 THR THR X . n 
B 2 178 HIS 178 178 178 HIS HIS X . n 
B 2 179 HIS 179 179 179 HIS HIS X . n 
B 2 180 PHE 180 180 180 PHE PHE X . n 
B 2 181 PRO 181 181 181 PRO PRO X . n 
B 2 182 GLU 182 182 182 GLU GLU X . n 
B 2 183 ASP 183 183 183 ASP ASP X . n 
B 2 184 TYR 184 184 184 TYR TYR X . n 
B 2 185 ILE 185 185 185 ILE ILE X . n 
B 2 186 THR 186 186 186 THR THR X . n 
B 2 187 ASP 187 187 187 ASP ASP X . n 
B 2 188 ARG 188 188 188 ARG ARG X . n 
B 2 189 SER 189 189 189 SER SER X . n 
B 2 190 GLN 190 190 190 GLN GLN X . n 
B 2 191 ARG 191 191 191 ARG ARG X . n 
B 2 192 PHE 192 192 192 PHE PHE X . n 
B 2 193 MET 193 193 193 MET MET X . n 
B 2 194 ALA 194 194 194 ALA ALA X . n 
B 2 195 SER 195 195 195 SER SER X . n 
B 2 196 GLU 196 196 196 GLU GLU X . n 
B 2 197 ILE 197 197 197 ILE ILE X . n 
B 2 198 ILE 198 198 198 ILE ILE X . n 
B 2 199 ARG 199 199 199 ARG ARG X . n 
B 2 200 GLU 200 200 200 GLU GLU X . n 
B 2 201 LYS 201 201 201 LYS LYS X . n 
B 2 202 LEU 202 202 202 LEU LEU X . n 
B 2 203 MET 203 203 203 MET MET X . n 
B 2 204 ARG 204 204 204 ARG ARG X . n 
B 2 205 PHE 205 205 205 PHE PHE X . n 
B 2 206 LEU 206 206 206 LEU LEU X . n 
B 2 207 GLY 207 207 207 GLY GLY X . n 
B 2 208 ALA 208 208 208 ALA ALA X . n 
B 2 209 GLU 209 209 209 GLU GLU X . n 
B 2 210 LEU 210 210 210 LEU LEU X . n 
B 2 211 PRO 211 211 211 PRO PRO X . n 
B 2 212 TYR 212 212 212 TYR TYR X . n 
B 2 213 SER 213 213 213 SER SER X . n 
B 2 214 VAL 214 214 214 VAL VAL X . n 
B 2 215 THR 215 215 215 THR THR X . n 
B 2 216 VAL 216 216 216 VAL VAL X . n 
B 2 217 GLU 217 217 217 GLU GLU X . n 
B 2 218 ILE 218 218 218 ILE ILE X . n 
B 2 219 GLU 219 219 219 GLU GLU X . n 
B 2 220 ARG 220 220 220 ARG ARG X . n 
B 2 221 PHE 221 221 221 PHE PHE X . n 
B 2 222 VAL 222 222 222 VAL VAL X . n 
B 2 223 SER 223 223 223 SER SER X . n 
B 2 224 ASN 224 224 224 ASN ASN X . n 
B 2 225 GLU 225 225 225 GLU GLU X . n 
B 2 226 ARG 226 226 226 ARG ARG X . n 
B 2 227 GLY 227 227 227 GLY GLY X . n 
B 2 228 GLY 228 228 228 GLY GLY X . n 
B 2 229 TYR 229 229 229 TYR TYR X . n 
B 2 230 ASP 230 230 230 ASP ASP X . n 
B 2 231 ILE 231 231 231 ILE ILE X . n 
B 2 232 ASN 232 232 232 ASN ASN X . n 
B 2 233 GLY 233 233 233 GLY GLY X . n 
B 2 234 LEU 234 234 234 LEU LEU X . n 
B 2 235 ILE 235 235 235 ILE ILE X . n 
B 2 236 LEU 236 236 236 LEU LEU X . n 
B 2 237 VAL 237 237 237 VAL VAL X . n 
B 2 238 GLU 238 238 238 GLU GLU X . n 
B 2 239 ARG 239 239 239 ARG ARG X . n 
B 2 240 GLU 240 240 240 GLU GLU X . n 
B 2 241 GLY 241 241 241 GLY GLY X . n 
B 2 242 GLN 242 242 242 GLN GLN X . n 
B 2 243 LYS 243 243 243 LYS LYS X . n 
B 2 244 LYS 244 244 244 LYS LYS X . n 
B 2 245 MET 245 245 245 MET MET X . n 
B 2 246 VAL 246 246 246 VAL VAL X . n 
B 2 247 ILE 247 247 247 ILE ILE X . n 
B 2 248 GLY 248 248 248 GLY GLY X . n 
B 2 249 ASN 249 249 249 ASN ASN X . n 
B 2 250 LYS 250 250 250 LYS LYS X . n 
B 2 251 GLY 251 251 251 GLY GLY X . n 
B 2 252 ALA 252 252 252 ALA ALA X . n 
B 2 253 LYS 253 253 253 LYS LYS X . n 
B 2 254 ILE 254 254 254 ILE ILE X . n 
B 2 255 LYS 255 255 255 LYS LYS X . n 
B 2 256 THR 256 256 256 THR THR X . n 
B 2 257 ILE 257 257 257 ILE ILE X . n 
B 2 258 GLY 258 258 258 GLY GLY X . n 
B 2 259 ILE 259 259 259 ILE ILE X . n 
B 2 260 GLU 260 260 260 GLU GLU X . n 
B 2 261 ALA 261 261 261 ALA ALA X . n 
B 2 262 ARG 262 262 262 ARG ARG X . n 
B 2 263 LYS 263 263 263 LYS LYS X . n 
B 2 264 ASP 264 264 264 ASP ASP X . n 
B 2 265 MET 265 265 265 MET MET X . n 
B 2 266 GLN 266 266 266 GLN GLN X . n 
B 2 267 GLU 267 267 267 GLU GLU X . n 
B 2 268 MET 268 268 268 MET MET X . n 
B 2 269 PHE 269 269 269 PHE PHE X . n 
B 2 270 GLU 270 270 270 GLU GLU X . n 
B 2 271 ALA 271 271 271 ALA ALA X . n 
B 2 272 PRO 272 272 272 PRO PRO X . n 
B 2 273 VAL 273 273 273 VAL VAL X . n 
B 2 274 HIS 274 274 274 HIS HIS X . n 
B 2 275 LEU 275 275 275 LEU LEU X . n 
B 2 276 GLU 276 276 276 GLU GLU X . n 
B 2 277 LEU 277 277 277 LEU LEU X . n 
B 2 278 TRP 278 278 278 TRP TRP X . n 
B 2 279 VAL 279 279 279 VAL VAL X . n 
B 2 280 LYS 280 280 280 LYS LYS X . n 
B 2 281 VAL 281 281 281 VAL VAL X . n 
B 2 282 LYS 282 282 282 LYS LYS X . n 
B 2 283 SER 283 283 283 SER SER X . n 
B 2 284 GLY 284 284 284 GLY GLY X . n 
B 2 285 TRP 285 285 285 TRP TRP X . n 
B 2 286 ALA 286 286 286 ALA ALA X . n 
B 2 287 ASP 287 287 287 ASP ASP X . n 
B 2 288 ASP 288 288 288 ASP ASP X . n 
B 2 289 GLU 289 289 289 GLU GLU X . n 
B 2 290 ARG 290 290 290 ARG ARG X . n 
B 2 291 ALA 291 291 291 ALA ALA X . n 
B 2 292 LEU 292 292 292 LEU LEU X . n 
B 2 293 ARG 293 293 293 ARG ARG X . n 
B 2 294 SER 294 294 294 SER SER X . n 
B 2 295 LEU 295 295 295 LEU LEU X . n 
B 2 296 GLY 296 296 ?   ?   ?   X . n 
B 2 297 TYR 297 297 ?   ?   ?   X . n 
B 2 298 VAL 298 298 ?   ?   ?   X . n 
B 2 299 ASP 299 299 ?   ?   ?   X . n 
B 2 300 ASP 300 300 ?   ?   ?   X . n 
B 2 301 LEU 301 301 ?   ?   ?   X . n 
# 
_exptl.entry_id          1X1L 
_exptl.method            'ELECTRON MICROSCOPY' 
_exptl.crystals_number   ? 
# 
_exptl_crystal.id                    1 
_exptl_crystal.density_meas          ? 
_exptl_crystal.density_Matthews      ? 
_exptl_crystal.density_percent_sol   ? 
_exptl_crystal.description           ? 
# 
_diffrn.id                     1 
_diffrn.ambient_temp           ? 
_diffrn.ambient_temp_details   ? 
_diffrn.crystal_id             1 
# 
_diffrn_radiation.diffrn_id                        1 
_diffrn_radiation.wavelength_id                    1 
_diffrn_radiation.pdbx_monochromatic_or_laue_m_l   M 
_diffrn_radiation.monochromator                    ? 
_diffrn_radiation.pdbx_diffrn_protocol             'SINGLE WAVELENGTH' 
_diffrn_radiation.pdbx_scattering_type             x-ray 
# 
_diffrn_radiation_wavelength.id           1 
_diffrn_radiation_wavelength.wavelength   . 
_diffrn_radiation_wavelength.wt           1.0 
# 
_refine_hist.pdbx_refine_id                   'ELECTRON MICROSCOPY' 
_refine_hist.cycle_id                         LAST 
_refine_hist.pdbx_number_atoms_protein        292 
_refine_hist.pdbx_number_atoms_nucleic_acid   130 
_refine_hist.pdbx_number_atoms_ligand         0 
_refine_hist.number_atoms_solvent             0 
_refine_hist.number_atoms_total               422 
_refine_hist.d_res_high                       . 
_refine_hist.d_res_low                        . 
# 
_struct.entry_id                  1X1L 
_struct.title                     
;Interaction of ERA,a GTPase protein, with the 3'minor domain of the 16S rRNA within the THERMUS THERMOPHILUS 30S subunit.
;
_struct.pdbx_model_details        ? 
_struct.pdbx_CASP_flag            ? 
_struct.pdbx_model_type_details   ? 
# 
_struct_keywords.entry_id        1X1L 
_struct_keywords.pdbx_keywords   'STRUCTURAL PROTEIN/RNA' 
_struct_keywords.text            
;Interaction of Era protein with the 3'minor domain of 16S rRNA, STRUCTURAL PROTEIN-RNA COMPLEX
;
# 
loop_
_struct_asym.id 
_struct_asym.pdbx_blank_PDB_chainid_flag 
_struct_asym.pdbx_modified 
_struct_asym.entity_id 
_struct_asym.details 
A N N 1 ? 
B N N 2 ? 
# 
loop_
_struct_ref.id 
_struct_ref.db_name 
_struct_ref.db_code 
_struct_ref.pdbx_db_accession 
_struct_ref.entity_id 
_struct_ref.pdbx_seq_one_letter_code 
_struct_ref.pdbx_align_begin 
_struct_ref.pdbx_db_isoform 
1 UNP ERA_ECOLI P06616 2 
;MSIDKSYCGFIAIVGRPNVGKSTLLNKLLGQKISITSRKAQTTRHRIVGIHTEGAYQAIYVDTPGLHMEEKRAINRLMNK
AASSSIGDVELVIFVVEGTRWTPDDEMVLNKLREGKAPVILAVNKVDNVQEKADLLPHLQFLASQMNFLDIVPISAETGL
NVDTIAAIVRKHLPEATHHFPEDYITDRSQRFMASEIIREKLMRFLGAELPYSVTVEIERFVSNERGGYDINGLILVERE
GQKKMVIGNKGAKIKTIGIEARKDMQEMFEAPVHLELWVKVKSGWADDERALRSLGYVDDL
;
1 ? 
2 PDB 1X1L      1X1L   1 ? ? ? 
# 
loop_
_struct_ref_seq.align_id 
_struct_ref_seq.ref_id 
_struct_ref_seq.pdbx_PDB_id_code 
_struct_ref_seq.pdbx_strand_id 
_struct_ref_seq.seq_align_beg 
_struct_ref_seq.pdbx_seq_align_beg_ins_code 
_struct_ref_seq.seq_align_end 
_struct_ref_seq.pdbx_seq_align_end_ins_code 
_struct_ref_seq.pdbx_db_accession 
_struct_ref_seq.db_align_beg 
_struct_ref_seq.pdbx_db_align_beg_ins_code 
_struct_ref_seq.db_align_end 
_struct_ref_seq.pdbx_db_align_end_ins_code 
_struct_ref_seq.pdbx_auth_seq_align_beg 
_struct_ref_seq.pdbx_auth_seq_align_end 
1 1 1X1L X 1 ? 301 ? P06616 1   ? 301 ? 1   301 
2 2 1X1L A 1 ? 130 ? 1X1L   400 ? 534 ? 400 534 
# 
_pdbx_struct_assembly.id                   1 
_pdbx_struct_assembly.details              author_defined_assembly 
_pdbx_struct_assembly.method_details       ? 
_pdbx_struct_assembly.oligomeric_details   dimeric 
_pdbx_struct_assembly.oligomeric_count     2 
# 
_pdbx_struct_assembly_gen.assembly_id       1 
_pdbx_struct_assembly_gen.oper_expression   1 
_pdbx_struct_assembly_gen.asym_id_list      A,B 
# 
_pdbx_struct_oper_list.id                   1 
_pdbx_struct_oper_list.type                 'identity operation' 
_pdbx_struct_oper_list.name                 1_555 
_pdbx_struct_oper_list.symmetry_operation   x,y,z 
_pdbx_struct_oper_list.matrix[1][1]         1.0000000000 
_pdbx_struct_oper_list.matrix[1][2]         0.0000000000 
_pdbx_struct_oper_list.matrix[1][3]         0.0000000000 
_pdbx_struct_oper_list.vector[1]            0.0000000000 
_pdbx_struct_oper_list.matrix[2][1]         0.0000000000 
_pdbx_struct_oper_list.matrix[2][2]         1.0000000000 
_pdbx_struct_oper_list.matrix[2][3]         0.0000000000 
_pdbx_struct_oper_list.vector[2]            0.0000000000 
_pdbx_struct_oper_list.matrix[3][1]         0.0000000000 
_pdbx_struct_oper_list.matrix[3][2]         0.0000000000 
_pdbx_struct_oper_list.matrix[3][3]         1.0000000000 
_pdbx_struct_oper_list.vector[3]            0.0000000000 
# 
_struct_biol.id                    1 
_struct_biol.pdbx_parent_biol_id   ? 
_struct_biol.details               ? 
# 
loop_
_pdbx_validate_close_contact.id 
_pdbx_validate_close_contact.PDB_model_num 
_pdbx_validate_close_contact.auth_atom_id_1 
_pdbx_validate_close_contact.auth_asym_id_1 
_pdbx_validate_close_contact.auth_comp_id_1 
_pdbx_validate_close_contact.auth_seq_id_1 
_pdbx_validate_close_contact.PDB_ins_code_1 
_pdbx_validate_close_contact.label_alt_id_1 
_pdbx_validate_close_contact.auth_atom_id_2 
_pdbx_validate_close_contact.auth_asym_id_2 
_pdbx_validate_close_contact.auth_comp_id_2 
_pdbx_validate_close_contact.auth_seq_id_2 
_pdbx_validate_close_contact.PDB_ins_code_2 
_pdbx_validate_close_contact.label_alt_id_2 
_pdbx_validate_close_contact.dist 
1 1 P A A 531 ? ? CA X ASN 249 ? ? 0.75 
2 1 P A G 422 ? ? P  A C   477 ? ? 1.91 
3 1 P A A 534 ? ? CA X LYS 255 ? ? 2.06 
# 
_em_3d_fitting.id                1 
_em_3d_fitting.entry_id          1X1L 
_em_3d_fitting.ref_protocol      'RIGID BODY FIT' 
_em_3d_fitting.ref_space         REAL 
_em_3d_fitting.overall_b_value   ? 
_em_3d_fitting.target_criteria   
;X-ray coordinates of the 30S ribosomal subunit and ERA were fitted into the 
13.5 angstroms resolution CRYO-EM map of the T. Thermophilus 30S subunit-ERA 
complex. the atomic structure of ERA was fitted as 3 rigid bodies, N-terminal 
domain, C-terminal domain and C-terminal helix within the C-terminal domain. 
The resultant ERA structure was then energy minimized. The X-ray coordinates of 
T. Thermophilus 30S subunit was fitted as 4 rigid bodies, head, body, platform 
and 16S rRNA 3' minor domains. Only the coordinates of the 16S rRNA 3' minor 
domain and ERA are included HERE. The KH domain of ERA makes direct contact 
with the 3' terminus of the 16S rRNA.
;
_em_3d_fitting.details           
;METHOD--cross-correlation based manual fitting in O REFINEMENT 
PROTOCOL--MULTIPLE RIGID BODY
;
_em_3d_fitting.method            ? 
# 
loop_
_em_3d_fitting_list.3d_fitting_id 
_em_3d_fitting_list.id 
_em_3d_fitting_list.pdb_entry_id 
_em_3d_fitting_list.pdb_chain_id 
_em_3d_fitting_list.details 
_em_3d_fitting_list.initial_refinement_model_id 
_em_3d_fitting_list.chain_id 
_em_3d_fitting_list.chain_residue_range 
_em_3d_fitting_list.pdb_chain_residue_range 
_em_3d_fitting_list.source_name 
_em_3d_fitting_list.type 
_em_3d_fitting_list.accession_code 
1 1 1FJF ? ? 1 ? ? ? PDB 'experimental model' 1FJF 
1 2 1EGA ? ? 2 ? ? ? PDB 'experimental model' 1EGA 
# 
_em_3d_reconstruction.entry_id                    1X1L 
_em_3d_reconstruction.id                          1 
_em_3d_reconstruction.symmetry_type               POINT 
_em_3d_reconstruction.image_processing_id         1 
_em_3d_reconstruction.method                      'reference based alignment' 
_em_3d_reconstruction.nominal_pixel_size          ? 
_em_3d_reconstruction.actual_pixel_size           2.820 
_em_3d_reconstruction.resolution                  13.5 
_em_3d_reconstruction.magnification_calibration   TMV 
_em_3d_reconstruction.details                     
;projection matching using spider package.  The coordinates for only the alpha carbons in protein and phosphoruses in rRNA are present in the structure. The number of missing atoms was so much that remark 470 for the missing atoms list were removed.
;
_em_3d_reconstruction.resolution_method           ? 
_em_3d_reconstruction.num_class_averages          ? 
_em_3d_reconstruction.num_particles               ? 
_em_3d_reconstruction.algorithm                   ? 
# 
_em_buffer.id            1 
_em_buffer.specimen_id   1 
_em_buffer.name          Hepes-KOH 
_em_buffer.pH            7.5 
_em_buffer.details       Hepes-KOH 
# 
_em_entity_assembly.id                   1 
_em_entity_assembly.name                 'THERMUS THERMOPHILUS 30S ribosomal subunit complexed with Era' 
_em_entity_assembly.type                 RIBOSOME 
_em_entity_assembly.parent_id            0 
_em_entity_assembly.synonym              ? 
_em_entity_assembly.details              'Era was bound to a S1-depleted 30S subunit' 
_em_entity_assembly.oligomeric_details   ? 
# 
_em_imaging.entry_id                        1X1L 
_em_imaging.id                              1 
_em_imaging.microscope_model                'FEI TECNAI F20' 
_em_imaging.electron_source                 'FIELD EMISSION GUN' 
_em_imaging.specimen_id                     1 
_em_imaging.date                            2003-03-25 
_em_imaging.temperature                     93 
_em_imaging.nominal_defocus_min             1180 
_em_imaging.nominal_defocus_max             3940 
_em_imaging.tilt_angle_min                  0 
_em_imaging.tilt_angle_max                  0 
_em_imaging.nominal_cs                      2.0 
_em_imaging.mode                            'BRIGHT FIELD' 
_em_imaging.illumination_mode               'FLOOD BEAM' 
_em_imaging.nominal_magnification           50000 
_em_imaging.calibrated_magnification        49696 
_em_imaging.accelerating_voltage            200 
_em_imaging.details                         ? 
_em_imaging.specimen_holder_type            ? 
_em_imaging.specimen_holder_model           ? 
_em_imaging.citation_id                     ? 
_em_imaging.detector_distance               ? 
_em_imaging.recording_temperature_maximum   ? 
_em_imaging.recording_temperature_minimum   ? 
_em_imaging.astigmatism                     ? 
_em_imaging.electron_beam_tilt_params       ? 
# 
_em_sample_support.id               1 
_em_sample_support.specimen_id      1 
_em_sample_support.details          'Quantifoil holley-carbon film GRIDS' 
_em_sample_support.film_material    ? 
_em_sample_support.grid_material    ? 
_em_sample_support.grid_mesh_size   ? 
_em_sample_support.grid_type        ? 
_em_sample_support.method           ? 
# 
_em_vitrification.entry_id              1X1L 
_em_vitrification.id                    1 
_em_vitrification.details               'Rapid-freezing in liquid ethane' 
_em_vitrification.citation_id           ? 
_em_vitrification.cryogen_name          ? 
_em_vitrification.humidity              ? 
_em_vitrification.instrument            ? 
_em_vitrification.method                ? 
_em_vitrification.specimen_id           1 
_em_vitrification.temp                  ? 
_em_vitrification.time_resolved_state   ? 
# 
_em_experiment.entry_id                1X1L 
_em_experiment.id                      1 
_em_experiment.aggregation_state       PARTICLE 
_em_experiment.entity_assembly_id      1 
_em_experiment.reconstruction_method   'SINGLE PARTICLE' 
# 
_em_single_particle_entity.entry_id              1X1L 
_em_single_particle_entity.id                    1 
_em_single_particle_entity.point_symmetry        C1 
_em_single_particle_entity.image_processing_id   1 
# 
loop_
_pdbx_unobs_or_zero_occ_residues.id 
_pdbx_unobs_or_zero_occ_residues.PDB_model_num 
_pdbx_unobs_or_zero_occ_residues.polymer_flag 
_pdbx_unobs_or_zero_occ_residues.occupancy_flag 
_pdbx_unobs_or_zero_occ_residues.auth_asym_id 
_pdbx_unobs_or_zero_occ_residues.auth_comp_id 
_pdbx_unobs_or_zero_occ_residues.auth_seq_id 
_pdbx_unobs_or_zero_occ_residues.PDB_ins_code 
_pdbx_unobs_or_zero_occ_residues.label_asym_id 
_pdbx_unobs_or_zero_occ_residues.label_comp_id 
_pdbx_unobs_or_zero_occ_residues.label_seq_id 
1 1 Y 1 X MET 1   ? B MET 1   
2 1 Y 1 X SER 2   ? B SER 2   
3 1 Y 1 X ILE 3   ? B ILE 3   
4 1 Y 1 X GLY 296 ? B GLY 296 
5 1 Y 1 X TYR 297 ? B TYR 297 
6 1 Y 1 X VAL 298 ? B VAL 298 
7 1 Y 1 X ASP 299 ? B ASP 299 
8 1 Y 1 X ASP 300 ? B ASP 300 
9 1 Y 1 X LEU 301 ? B LEU 301 
# 
loop_
_chem_comp_atom.comp_id 
_chem_comp_atom.atom_id 
_chem_comp_atom.type_symbol 
_chem_comp_atom.pdbx_aromatic_flag 
_chem_comp_atom.pdbx_stereo_config 
_chem_comp_atom.pdbx_ordinal 
A   OP3    O N N 1   
A   P      P N N 2   
A   OP1    O N N 3   
A   OP2    O N N 4   
A   "O5'"  O N N 5   
A   "C5'"  C N N 6   
A   "C4'"  C N R 7   
A   "O4'"  O N N 8   
A   "C3'"  C N S 9   
A   "O3'"  O N N 10  
A   "C2'"  C N R 11  
A   "O2'"  O N N 12  
A   "C1'"  C N R 13  
A   N9     N Y N 14  
A   C8     C Y N 15  
A   N7     N Y N 16  
A   C5     C Y N 17  
A   C6     C Y N 18  
A   N6     N N N 19  
A   N1     N Y N 20  
A   C2     C Y N 21  
A   N3     N Y N 22  
A   C4     C Y N 23  
A   HOP3   H N N 24  
A   HOP2   H N N 25  
A   "H5'"  H N N 26  
A   "H5''" H N N 27  
A   "H4'"  H N N 28  
A   "H3'"  H N N 29  
A   "HO3'" H N N 30  
A   "H2'"  H N N 31  
A   "HO2'" H N N 32  
A   "H1'"  H N N 33  
A   H8     H N N 34  
A   H61    H N N 35  
A   H62    H N N 36  
A   H2     H N N 37  
ALA N      N N N 38  
ALA CA     C N S 39  
ALA C      C N N 40  
ALA O      O N N 41  
ALA CB     C N N 42  
ALA OXT    O N N 43  
ALA H      H N N 44  
ALA H2     H N N 45  
ALA HA     H N N 46  
ALA HB1    H N N 47  
ALA HB2    H N N 48  
ALA HB3    H N N 49  
ALA HXT    H N N 50  
ARG N      N N N 51  
ARG CA     C N S 52  
ARG C      C N N 53  
ARG O      O N N 54  
ARG CB     C N N 55  
ARG CG     C N N 56  
ARG CD     C N N 57  
ARG NE     N N N 58  
ARG CZ     C N N 59  
ARG NH1    N N N 60  
ARG NH2    N N N 61  
ARG OXT    O N N 62  
ARG H      H N N 63  
ARG H2     H N N 64  
ARG HA     H N N 65  
ARG HB2    H N N 66  
ARG HB3    H N N 67  
ARG HG2    H N N 68  
ARG HG3    H N N 69  
ARG HD2    H N N 70  
ARG HD3    H N N 71  
ARG HE     H N N 72  
ARG HH11   H N N 73  
ARG HH12   H N N 74  
ARG HH21   H N N 75  
ARG HH22   H N N 76  
ARG HXT    H N N 77  
ASN N      N N N 78  
ASN CA     C N S 79  
ASN C      C N N 80  
ASN O      O N N 81  
ASN CB     C N N 82  
ASN CG     C N N 83  
ASN OD1    O N N 84  
ASN ND2    N N N 85  
ASN OXT    O N N 86  
ASN H      H N N 87  
ASN H2     H N N 88  
ASN HA     H N N 89  
ASN HB2    H N N 90  
ASN HB3    H N N 91  
ASN HD21   H N N 92  
ASN HD22   H N N 93  
ASN HXT    H N N 94  
ASP N      N N N 95  
ASP CA     C N S 96  
ASP C      C N N 97  
ASP O      O N N 98  
ASP CB     C N N 99  
ASP CG     C N N 100 
ASP OD1    O N N 101 
ASP OD2    O N N 102 
ASP OXT    O N N 103 
ASP H      H N N 104 
ASP H2     H N N 105 
ASP HA     H N N 106 
ASP HB2    H N N 107 
ASP HB3    H N N 108 
ASP HD2    H N N 109 
ASP HXT    H N N 110 
C   OP3    O N N 111 
C   P      P N N 112 
C   OP1    O N N 113 
C   OP2    O N N 114 
C   "O5'"  O N N 115 
C   "C5'"  C N N 116 
C   "C4'"  C N R 117 
C   "O4'"  O N N 118 
C   "C3'"  C N S 119 
C   "O3'"  O N N 120 
C   "C2'"  C N R 121 
C   "O2'"  O N N 122 
C   "C1'"  C N R 123 
C   N1     N N N 124 
C   C2     C N N 125 
C   O2     O N N 126 
C   N3     N N N 127 
C   C4     C N N 128 
C   N4     N N N 129 
C   C5     C N N 130 
C   C6     C N N 131 
C   HOP3   H N N 132 
C   HOP2   H N N 133 
C   "H5'"  H N N 134 
C   "H5''" H N N 135 
C   "H4'"  H N N 136 
C   "H3'"  H N N 137 
C   "HO3'" H N N 138 
C   "H2'"  H N N 139 
C   "HO2'" H N N 140 
C   "H1'"  H N N 141 
C   H41    H N N 142 
C   H42    H N N 143 
C   H5     H N N 144 
C   H6     H N N 145 
CYS N      N N N 146 
CYS CA     C N R 147 
CYS C      C N N 148 
CYS O      O N N 149 
CYS CB     C N N 150 
CYS SG     S N N 151 
CYS OXT    O N N 152 
CYS H      H N N 153 
CYS H2     H N N 154 
CYS HA     H N N 155 
CYS HB2    H N N 156 
CYS HB3    H N N 157 
CYS HG     H N N 158 
CYS HXT    H N N 159 
G   OP3    O N N 160 
G   P      P N N 161 
G   OP1    O N N 162 
G   OP2    O N N 163 
G   "O5'"  O N N 164 
G   "C5'"  C N N 165 
G   "C4'"  C N R 166 
G   "O4'"  O N N 167 
G   "C3'"  C N S 168 
G   "O3'"  O N N 169 
G   "C2'"  C N R 170 
G   "O2'"  O N N 171 
G   "C1'"  C N R 172 
G   N9     N Y N 173 
G   C8     C Y N 174 
G   N7     N Y N 175 
G   C5     C Y N 176 
G   C6     C N N 177 
G   O6     O N N 178 
G   N1     N N N 179 
G   C2     C N N 180 
G   N2     N N N 181 
G   N3     N N N 182 
G   C4     C Y N 183 
G   HOP3   H N N 184 
G   HOP2   H N N 185 
G   "H5'"  H N N 186 
G   "H5''" H N N 187 
G   "H4'"  H N N 188 
G   "H3'"  H N N 189 
G   "HO3'" H N N 190 
G   "H2'"  H N N 191 
G   "HO2'" H N N 192 
G   "H1'"  H N N 193 
G   H8     H N N 194 
G   H1     H N N 195 
G   H21    H N N 196 
G   H22    H N N 197 
GLN N      N N N 198 
GLN CA     C N S 199 
GLN C      C N N 200 
GLN O      O N N 201 
GLN CB     C N N 202 
GLN CG     C N N 203 
GLN CD     C N N 204 
GLN OE1    O N N 205 
GLN NE2    N N N 206 
GLN OXT    O N N 207 
GLN H      H N N 208 
GLN H2     H N N 209 
GLN HA     H N N 210 
GLN HB2    H N N 211 
GLN HB3    H N N 212 
GLN HG2    H N N 213 
GLN HG3    H N N 214 
GLN HE21   H N N 215 
GLN HE22   H N N 216 
GLN HXT    H N N 217 
GLU N      N N N 218 
GLU CA     C N S 219 
GLU C      C N N 220 
GLU O      O N N 221 
GLU CB     C N N 222 
GLU CG     C N N 223 
GLU CD     C N N 224 
GLU OE1    O N N 225 
GLU OE2    O N N 226 
GLU OXT    O N N 227 
GLU H      H N N 228 
GLU H2     H N N 229 
GLU HA     H N N 230 
GLU HB2    H N N 231 
GLU HB3    H N N 232 
GLU HG2    H N N 233 
GLU HG3    H N N 234 
GLU HE2    H N N 235 
GLU HXT    H N N 236 
GLY N      N N N 237 
GLY CA     C N N 238 
GLY C      C N N 239 
GLY O      O N N 240 
GLY OXT    O N N 241 
GLY H      H N N 242 
GLY H2     H N N 243 
GLY HA2    H N N 244 
GLY HA3    H N N 245 
GLY HXT    H N N 246 
HIS N      N N N 247 
HIS CA     C N S 248 
HIS C      C N N 249 
HIS O      O N N 250 
HIS CB     C N N 251 
HIS CG     C Y N 252 
HIS ND1    N Y N 253 
HIS CD2    C Y N 254 
HIS CE1    C Y N 255 
HIS NE2    N Y N 256 
HIS OXT    O N N 257 
HIS H      H N N 258 
HIS H2     H N N 259 
HIS HA     H N N 260 
HIS HB2    H N N 261 
HIS HB3    H N N 262 
HIS HD1    H N N 263 
HIS HD2    H N N 264 
HIS HE1    H N N 265 
HIS HE2    H N N 266 
HIS HXT    H N N 267 
ILE N      N N N 268 
ILE CA     C N S 269 
ILE C      C N N 270 
ILE O      O N N 271 
ILE CB     C N S 272 
ILE CG1    C N N 273 
ILE CG2    C N N 274 
ILE CD1    C N N 275 
ILE OXT    O N N 276 
ILE H      H N N 277 
ILE H2     H N N 278 
ILE HA     H N N 279 
ILE HB     H N N 280 
ILE HG12   H N N 281 
ILE HG13   H N N 282 
ILE HG21   H N N 283 
ILE HG22   H N N 284 
ILE HG23   H N N 285 
ILE HD11   H N N 286 
ILE HD12   H N N 287 
ILE HD13   H N N 288 
ILE HXT    H N N 289 
LEU N      N N N 290 
LEU CA     C N S 291 
LEU C      C N N 292 
LEU O      O N N 293 
LEU CB     C N N 294 
LEU CG     C N N 295 
LEU CD1    C N N 296 
LEU CD2    C N N 297 
LEU OXT    O N N 298 
LEU H      H N N 299 
LEU H2     H N N 300 
LEU HA     H N N 301 
LEU HB2    H N N 302 
LEU HB3    H N N 303 
LEU HG     H N N 304 
LEU HD11   H N N 305 
LEU HD12   H N N 306 
LEU HD13   H N N 307 
LEU HD21   H N N 308 
LEU HD22   H N N 309 
LEU HD23   H N N 310 
LEU HXT    H N N 311 
LYS N      N N N 312 
LYS CA     C N S 313 
LYS C      C N N 314 
LYS O      O N N 315 
LYS CB     C N N 316 
LYS CG     C N N 317 
LYS CD     C N N 318 
LYS CE     C N N 319 
LYS NZ     N N N 320 
LYS OXT    O N N 321 
LYS H      H N N 322 
LYS H2     H N N 323 
LYS HA     H N N 324 
LYS HB2    H N N 325 
LYS HB3    H N N 326 
LYS HG2    H N N 327 
LYS HG3    H N N 328 
LYS HD2    H N N 329 
LYS HD3    H N N 330 
LYS HE2    H N N 331 
LYS HE3    H N N 332 
LYS HZ1    H N N 333 
LYS HZ2    H N N 334 
LYS HZ3    H N N 335 
LYS HXT    H N N 336 
MET N      N N N 337 
MET CA     C N S 338 
MET C      C N N 339 
MET O      O N N 340 
MET CB     C N N 341 
MET CG     C N N 342 
MET SD     S N N 343 
MET CE     C N N 344 
MET OXT    O N N 345 
MET H      H N N 346 
MET H2     H N N 347 
MET HA     H N N 348 
MET HB2    H N N 349 
MET HB3    H N N 350 
MET HG2    H N N 351 
MET HG3    H N N 352 
MET HE1    H N N 353 
MET HE2    H N N 354 
MET HE3    H N N 355 
MET HXT    H N N 356 
PHE N      N N N 357 
PHE CA     C N S 358 
PHE C      C N N 359 
PHE O      O N N 360 
PHE CB     C N N 361 
PHE CG     C Y N 362 
PHE CD1    C Y N 363 
PHE CD2    C Y N 364 
PHE CE1    C Y N 365 
PHE CE2    C Y N 366 
PHE CZ     C Y N 367 
PHE OXT    O N N 368 
PHE H      H N N 369 
PHE H2     H N N 370 
PHE HA     H N N 371 
PHE HB2    H N N 372 
PHE HB3    H N N 373 
PHE HD1    H N N 374 
PHE HD2    H N N 375 
PHE HE1    H N N 376 
PHE HE2    H N N 377 
PHE HZ     H N N 378 
PHE HXT    H N N 379 
PRO N      N N N 380 
PRO CA     C N S 381 
PRO C      C N N 382 
PRO O      O N N 383 
PRO CB     C N N 384 
PRO CG     C N N 385 
PRO CD     C N N 386 
PRO OXT    O N N 387 
PRO H      H N N 388 
PRO HA     H N N 389 
PRO HB2    H N N 390 
PRO HB3    H N N 391 
PRO HG2    H N N 392 
PRO HG3    H N N 393 
PRO HD2    H N N 394 
PRO HD3    H N N 395 
PRO HXT    H N N 396 
SER N      N N N 397 
SER CA     C N S 398 
SER C      C N N 399 
SER O      O N N 400 
SER CB     C N N 401 
SER OG     O N N 402 
SER OXT    O N N 403 
SER H      H N N 404 
SER H2     H N N 405 
SER HA     H N N 406 
SER HB2    H N N 407 
SER HB3    H N N 408 
SER HG     H N N 409 
SER HXT    H N N 410 
THR N      N N N 411 
THR CA     C N S 412 
THR C      C N N 413 
THR O      O N N 414 
THR CB     C N R 415 
THR OG1    O N N 416 
THR CG2    C N N 417 
THR OXT    O N N 418 
THR H      H N N 419 
THR H2     H N N 420 
THR HA     H N N 421 
THR HB     H N N 422 
THR HG1    H N N 423 
THR HG21   H N N 424 
THR HG22   H N N 425 
THR HG23   H N N 426 
THR HXT    H N N 427 
TRP N      N N N 428 
TRP CA     C N S 429 
TRP C      C N N 430 
TRP O      O N N 431 
TRP CB     C N N 432 
TRP CG     C Y N 433 
TRP CD1    C Y N 434 
TRP CD2    C Y N 435 
TRP NE1    N Y N 436 
TRP CE2    C Y N 437 
TRP CE3    C Y N 438 
TRP CZ2    C Y N 439 
TRP CZ3    C Y N 440 
TRP CH2    C Y N 441 
TRP OXT    O N N 442 
TRP H      H N N 443 
TRP H2     H N N 444 
TRP HA     H N N 445 
TRP HB2    H N N 446 
TRP HB3    H N N 447 
TRP HD1    H N N 448 
TRP HE1    H N N 449 
TRP HE3    H N N 450 
TRP HZ2    H N N 451 
TRP HZ3    H N N 452 
TRP HH2    H N N 453 
TRP HXT    H N N 454 
TYR N      N N N 455 
TYR CA     C N S 456 
TYR C      C N N 457 
TYR O      O N N 458 
TYR CB     C N N 459 
TYR CG     C Y N 460 
TYR CD1    C Y N 461 
TYR CD2    C Y N 462 
TYR CE1    C Y N 463 
TYR CE2    C Y N 464 
TYR CZ     C Y N 465 
TYR OH     O N N 466 
TYR OXT    O N N 467 
TYR H      H N N 468 
TYR H2     H N N 469 
TYR HA     H N N 470 
TYR HB2    H N N 471 
TYR HB3    H N N 472 
TYR HD1    H N N 473 
TYR HD2    H N N 474 
TYR HE1    H N N 475 
TYR HE2    H N N 476 
TYR HH     H N N 477 
TYR HXT    H N N 478 
U   OP3    O N N 479 
U   P      P N N 480 
U   OP1    O N N 481 
U   OP2    O N N 482 
U   "O5'"  O N N 483 
U   "C5'"  C N N 484 
U   "C4'"  C N R 485 
U   "O4'"  O N N 486 
U   "C3'"  C N S 487 
U   "O3'"  O N N 488 
U   "C2'"  C N R 489 
U   "O2'"  O N N 490 
U   "C1'"  C N R 491 
U   N1     N N N 492 
U   C2     C N N 493 
U   O2     O N N 494 
U   N3     N N N 495 
U   C4     C N N 496 
U   O4     O N N 497 
U   C5     C N N 498 
U   C6     C N N 499 
U   HOP3   H N N 500 
U   HOP2   H N N 501 
U   "H5'"  H N N 502 
U   "H5''" H N N 503 
U   "H4'"  H N N 504 
U   "H3'"  H N N 505 
U   "HO3'" H N N 506 
U   "H2'"  H N N 507 
U   "HO2'" H N N 508 
U   "H1'"  H N N 509 
U   H3     H N N 510 
U   H5     H N N 511 
U   H6     H N N 512 
VAL N      N N N 513 
VAL CA     C N S 514 
VAL C      C N N 515 
VAL O      O N N 516 
VAL CB     C N N 517 
VAL CG1    C N N 518 
VAL CG2    C N N 519 
VAL OXT    O N N 520 
VAL H      H N N 521 
VAL H2     H N N 522 
VAL HA     H N N 523 
VAL HB     H N N 524 
VAL HG11   H N N 525 
VAL HG12   H N N 526 
VAL HG13   H N N 527 
VAL HG21   H N N 528 
VAL HG22   H N N 529 
VAL HG23   H N N 530 
VAL HXT    H N N 531 
# 
loop_
_chem_comp_bond.comp_id 
_chem_comp_bond.atom_id_1 
_chem_comp_bond.atom_id_2 
_chem_comp_bond.value_order 
_chem_comp_bond.pdbx_aromatic_flag 
_chem_comp_bond.pdbx_stereo_config 
_chem_comp_bond.pdbx_ordinal 
A   OP3   P      sing N N 1   
A   OP3   HOP3   sing N N 2   
A   P     OP1    doub N N 3   
A   P     OP2    sing N N 4   
A   P     "O5'"  sing N N 5   
A   OP2   HOP2   sing N N 6   
A   "O5'" "C5'"  sing N N 7   
A   "C5'" "C4'"  sing N N 8   
A   "C5'" "H5'"  sing N N 9   
A   "C5'" "H5''" sing N N 10  
A   "C4'" "O4'"  sing N N 11  
A   "C4'" "C3'"  sing N N 12  
A   "C4'" "H4'"  sing N N 13  
A   "O4'" "C1'"  sing N N 14  
A   "C3'" "O3'"  sing N N 15  
A   "C3'" "C2'"  sing N N 16  
A   "C3'" "H3'"  sing N N 17  
A   "O3'" "HO3'" sing N N 18  
A   "C2'" "O2'"  sing N N 19  
A   "C2'" "C1'"  sing N N 20  
A   "C2'" "H2'"  sing N N 21  
A   "O2'" "HO2'" sing N N 22  
A   "C1'" N9     sing N N 23  
A   "C1'" "H1'"  sing N N 24  
A   N9    C8     sing Y N 25  
A   N9    C4     sing Y N 26  
A   C8    N7     doub Y N 27  
A   C8    H8     sing N N 28  
A   N7    C5     sing Y N 29  
A   C5    C6     sing Y N 30  
A   C5    C4     doub Y N 31  
A   C6    N6     sing N N 32  
A   C6    N1     doub Y N 33  
A   N6    H61    sing N N 34  
A   N6    H62    sing N N 35  
A   N1    C2     sing Y N 36  
A   C2    N3     doub Y N 37  
A   C2    H2     sing N N 38  
A   N3    C4     sing Y N 39  
ALA N     CA     sing N N 40  
ALA N     H      sing N N 41  
ALA N     H2     sing N N 42  
ALA CA    C      sing N N 43  
ALA CA    CB     sing N N 44  
ALA CA    HA     sing N N 45  
ALA C     O      doub N N 46  
ALA C     OXT    sing N N 47  
ALA CB    HB1    sing N N 48  
ALA CB    HB2    sing N N 49  
ALA CB    HB3    sing N N 50  
ALA OXT   HXT    sing N N 51  
ARG N     CA     sing N N 52  
ARG N     H      sing N N 53  
ARG N     H2     sing N N 54  
ARG CA    C      sing N N 55  
ARG CA    CB     sing N N 56  
ARG CA    HA     sing N N 57  
ARG C     O      doub N N 58  
ARG C     OXT    sing N N 59  
ARG CB    CG     sing N N 60  
ARG CB    HB2    sing N N 61  
ARG CB    HB3    sing N N 62  
ARG CG    CD     sing N N 63  
ARG CG    HG2    sing N N 64  
ARG CG    HG3    sing N N 65  
ARG CD    NE     sing N N 66  
ARG CD    HD2    sing N N 67  
ARG CD    HD3    sing N N 68  
ARG NE    CZ     sing N N 69  
ARG NE    HE     sing N N 70  
ARG CZ    NH1    sing N N 71  
ARG CZ    NH2    doub N N 72  
ARG NH1   HH11   sing N N 73  
ARG NH1   HH12   sing N N 74  
ARG NH2   HH21   sing N N 75  
ARG NH2   HH22   sing N N 76  
ARG OXT   HXT    sing N N 77  
ASN N     CA     sing N N 78  
ASN N     H      sing N N 79  
ASN N     H2     sing N N 80  
ASN CA    C      sing N N 81  
ASN CA    CB     sing N N 82  
ASN CA    HA     sing N N 83  
ASN C     O      doub N N 84  
ASN C     OXT    sing N N 85  
ASN CB    CG     sing N N 86  
ASN CB    HB2    sing N N 87  
ASN CB    HB3    sing N N 88  
ASN CG    OD1    doub N N 89  
ASN CG    ND2    sing N N 90  
ASN ND2   HD21   sing N N 91  
ASN ND2   HD22   sing N N 92  
ASN OXT   HXT    sing N N 93  
ASP N     CA     sing N N 94  
ASP N     H      sing N N 95  
ASP N     H2     sing N N 96  
ASP CA    C      sing N N 97  
ASP CA    CB     sing N N 98  
ASP CA    HA     sing N N 99  
ASP C     O      doub N N 100 
ASP C     OXT    sing N N 101 
ASP CB    CG     sing N N 102 
ASP CB    HB2    sing N N 103 
ASP CB    HB3    sing N N 104 
ASP CG    OD1    doub N N 105 
ASP CG    OD2    sing N N 106 
ASP OD2   HD2    sing N N 107 
ASP OXT   HXT    sing N N 108 
C   OP3   P      sing N N 109 
C   OP3   HOP3   sing N N 110 
C   P     OP1    doub N N 111 
C   P     OP2    sing N N 112 
C   P     "O5'"  sing N N 113 
C   OP2   HOP2   sing N N 114 
C   "O5'" "C5'"  sing N N 115 
C   "C5'" "C4'"  sing N N 116 
C   "C5'" "H5'"  sing N N 117 
C   "C5'" "H5''" sing N N 118 
C   "C4'" "O4'"  sing N N 119 
C   "C4'" "C3'"  sing N N 120 
C   "C4'" "H4'"  sing N N 121 
C   "O4'" "C1'"  sing N N 122 
C   "C3'" "O3'"  sing N N 123 
C   "C3'" "C2'"  sing N N 124 
C   "C3'" "H3'"  sing N N 125 
C   "O3'" "HO3'" sing N N 126 
C   "C2'" "O2'"  sing N N 127 
C   "C2'" "C1'"  sing N N 128 
C   "C2'" "H2'"  sing N N 129 
C   "O2'" "HO2'" sing N N 130 
C   "C1'" N1     sing N N 131 
C   "C1'" "H1'"  sing N N 132 
C   N1    C2     sing N N 133 
C   N1    C6     sing N N 134 
C   C2    O2     doub N N 135 
C   C2    N3     sing N N 136 
C   N3    C4     doub N N 137 
C   C4    N4     sing N N 138 
C   C4    C5     sing N N 139 
C   N4    H41    sing N N 140 
C   N4    H42    sing N N 141 
C   C5    C6     doub N N 142 
C   C5    H5     sing N N 143 
C   C6    H6     sing N N 144 
CYS N     CA     sing N N 145 
CYS N     H      sing N N 146 
CYS N     H2     sing N N 147 
CYS CA    C      sing N N 148 
CYS CA    CB     sing N N 149 
CYS CA    HA     sing N N 150 
CYS C     O      doub N N 151 
CYS C     OXT    sing N N 152 
CYS CB    SG     sing N N 153 
CYS CB    HB2    sing N N 154 
CYS CB    HB3    sing N N 155 
CYS SG    HG     sing N N 156 
CYS OXT   HXT    sing N N 157 
G   OP3   P      sing N N 158 
G   OP3   HOP3   sing N N 159 
G   P     OP1    doub N N 160 
G   P     OP2    sing N N 161 
G   P     "O5'"  sing N N 162 
G   OP2   HOP2   sing N N 163 
G   "O5'" "C5'"  sing N N 164 
G   "C5'" "C4'"  sing N N 165 
G   "C5'" "H5'"  sing N N 166 
G   "C5'" "H5''" sing N N 167 
G   "C4'" "O4'"  sing N N 168 
G   "C4'" "C3'"  sing N N 169 
G   "C4'" "H4'"  sing N N 170 
G   "O4'" "C1'"  sing N N 171 
G   "C3'" "O3'"  sing N N 172 
G   "C3'" "C2'"  sing N N 173 
G   "C3'" "H3'"  sing N N 174 
G   "O3'" "HO3'" sing N N 175 
G   "C2'" "O2'"  sing N N 176 
G   "C2'" "C1'"  sing N N 177 
G   "C2'" "H2'"  sing N N 178 
G   "O2'" "HO2'" sing N N 179 
G   "C1'" N9     sing N N 180 
G   "C1'" "H1'"  sing N N 181 
G   N9    C8     sing Y N 182 
G   N9    C4     sing Y N 183 
G   C8    N7     doub Y N 184 
G   C8    H8     sing N N 185 
G   N7    C5     sing Y N 186 
G   C5    C6     sing N N 187 
G   C5    C4     doub Y N 188 
G   C6    O6     doub N N 189 
G   C6    N1     sing N N 190 
G   N1    C2     sing N N 191 
G   N1    H1     sing N N 192 
G   C2    N2     sing N N 193 
G   C2    N3     doub N N 194 
G   N2    H21    sing N N 195 
G   N2    H22    sing N N 196 
G   N3    C4     sing N N 197 
GLN N     CA     sing N N 198 
GLN N     H      sing N N 199 
GLN N     H2     sing N N 200 
GLN CA    C      sing N N 201 
GLN CA    CB     sing N N 202 
GLN CA    HA     sing N N 203 
GLN C     O      doub N N 204 
GLN C     OXT    sing N N 205 
GLN CB    CG     sing N N 206 
GLN CB    HB2    sing N N 207 
GLN CB    HB3    sing N N 208 
GLN CG    CD     sing N N 209 
GLN CG    HG2    sing N N 210 
GLN CG    HG3    sing N N 211 
GLN CD    OE1    doub N N 212 
GLN CD    NE2    sing N N 213 
GLN NE2   HE21   sing N N 214 
GLN NE2   HE22   sing N N 215 
GLN OXT   HXT    sing N N 216 
GLU N     CA     sing N N 217 
GLU N     H      sing N N 218 
GLU N     H2     sing N N 219 
GLU CA    C      sing N N 220 
GLU CA    CB     sing N N 221 
GLU CA    HA     sing N N 222 
GLU C     O      doub N N 223 
GLU C     OXT    sing N N 224 
GLU CB    CG     sing N N 225 
GLU CB    HB2    sing N N 226 
GLU CB    HB3    sing N N 227 
GLU CG    CD     sing N N 228 
GLU CG    HG2    sing N N 229 
GLU CG    HG3    sing N N 230 
GLU CD    OE1    doub N N 231 
GLU CD    OE2    sing N N 232 
GLU OE2   HE2    sing N N 233 
GLU OXT   HXT    sing N N 234 
GLY N     CA     sing N N 235 
GLY N     H      sing N N 236 
GLY N     H2     sing N N 237 
GLY CA    C      sing N N 238 
GLY CA    HA2    sing N N 239 
GLY CA    HA3    sing N N 240 
GLY C     O      doub N N 241 
GLY C     OXT    sing N N 242 
GLY OXT   HXT    sing N N 243 
HIS N     CA     sing N N 244 
HIS N     H      sing N N 245 
HIS N     H2     sing N N 246 
HIS CA    C      sing N N 247 
HIS CA    CB     sing N N 248 
HIS CA    HA     sing N N 249 
HIS C     O      doub N N 250 
HIS C     OXT    sing N N 251 
HIS CB    CG     sing N N 252 
HIS CB    HB2    sing N N 253 
HIS CB    HB3    sing N N 254 
HIS CG    ND1    sing Y N 255 
HIS CG    CD2    doub Y N 256 
HIS ND1   CE1    doub Y N 257 
HIS ND1   HD1    sing N N 258 
HIS CD2   NE2    sing Y N 259 
HIS CD2   HD2    sing N N 260 
HIS CE1   NE2    sing Y N 261 
HIS CE1   HE1    sing N N 262 
HIS NE2   HE2    sing N N 263 
HIS OXT   HXT    sing N N 264 
ILE N     CA     sing N N 265 
ILE N     H      sing N N 266 
ILE N     H2     sing N N 267 
ILE CA    C      sing N N 268 
ILE CA    CB     sing N N 269 
ILE CA    HA     sing N N 270 
ILE C     O      doub N N 271 
ILE C     OXT    sing N N 272 
ILE CB    CG1    sing N N 273 
ILE CB    CG2    sing N N 274 
ILE CB    HB     sing N N 275 
ILE CG1   CD1    sing N N 276 
ILE CG1   HG12   sing N N 277 
ILE CG1   HG13   sing N N 278 
ILE CG2   HG21   sing N N 279 
ILE CG2   HG22   sing N N 280 
ILE CG2   HG23   sing N N 281 
ILE CD1   HD11   sing N N 282 
ILE CD1   HD12   sing N N 283 
ILE CD1   HD13   sing N N 284 
ILE OXT   HXT    sing N N 285 
LEU N     CA     sing N N 286 
LEU N     H      sing N N 287 
LEU N     H2     sing N N 288 
LEU CA    C      sing N N 289 
LEU CA    CB     sing N N 290 
LEU CA    HA     sing N N 291 
LEU C     O      doub N N 292 
LEU C     OXT    sing N N 293 
LEU CB    CG     sing N N 294 
LEU CB    HB2    sing N N 295 
LEU CB    HB3    sing N N 296 
LEU CG    CD1    sing N N 297 
LEU CG    CD2    sing N N 298 
LEU CG    HG     sing N N 299 
LEU CD1   HD11   sing N N 300 
LEU CD1   HD12   sing N N 301 
LEU CD1   HD13   sing N N 302 
LEU CD2   HD21   sing N N 303 
LEU CD2   HD22   sing N N 304 
LEU CD2   HD23   sing N N 305 
LEU OXT   HXT    sing N N 306 
LYS N     CA     sing N N 307 
LYS N     H      sing N N 308 
LYS N     H2     sing N N 309 
LYS CA    C      sing N N 310 
LYS CA    CB     sing N N 311 
LYS CA    HA     sing N N 312 
LYS C     O      doub N N 313 
LYS C     OXT    sing N N 314 
LYS CB    CG     sing N N 315 
LYS CB    HB2    sing N N 316 
LYS CB    HB3    sing N N 317 
LYS CG    CD     sing N N 318 
LYS CG    HG2    sing N N 319 
LYS CG    HG3    sing N N 320 
LYS CD    CE     sing N N 321 
LYS CD    HD2    sing N N 322 
LYS CD    HD3    sing N N 323 
LYS CE    NZ     sing N N 324 
LYS CE    HE2    sing N N 325 
LYS CE    HE3    sing N N 326 
LYS NZ    HZ1    sing N N 327 
LYS NZ    HZ2    sing N N 328 
LYS NZ    HZ3    sing N N 329 
LYS OXT   HXT    sing N N 330 
MET N     CA     sing N N 331 
MET N     H      sing N N 332 
MET N     H2     sing N N 333 
MET CA    C      sing N N 334 
MET CA    CB     sing N N 335 
MET CA    HA     sing N N 336 
MET C     O      doub N N 337 
MET C     OXT    sing N N 338 
MET CB    CG     sing N N 339 
MET CB    HB2    sing N N 340 
MET CB    HB3    sing N N 341 
MET CG    SD     sing N N 342 
MET CG    HG2    sing N N 343 
MET CG    HG3    sing N N 344 
MET SD    CE     sing N N 345 
MET CE    HE1    sing N N 346 
MET CE    HE2    sing N N 347 
MET CE    HE3    sing N N 348 
MET OXT   HXT    sing N N 349 
PHE N     CA     sing N N 350 
PHE N     H      sing N N 351 
PHE N     H2     sing N N 352 
PHE CA    C      sing N N 353 
PHE CA    CB     sing N N 354 
PHE CA    HA     sing N N 355 
PHE C     O      doub N N 356 
PHE C     OXT    sing N N 357 
PHE CB    CG     sing N N 358 
PHE CB    HB2    sing N N 359 
PHE CB    HB3    sing N N 360 
PHE CG    CD1    doub Y N 361 
PHE CG    CD2    sing Y N 362 
PHE CD1   CE1    sing Y N 363 
PHE CD1   HD1    sing N N 364 
PHE CD2   CE2    doub Y N 365 
PHE CD2   HD2    sing N N 366 
PHE CE1   CZ     doub Y N 367 
PHE CE1   HE1    sing N N 368 
PHE CE2   CZ     sing Y N 369 
PHE CE2   HE2    sing N N 370 
PHE CZ    HZ     sing N N 371 
PHE OXT   HXT    sing N N 372 
PRO N     CA     sing N N 373 
PRO N     CD     sing N N 374 
PRO N     H      sing N N 375 
PRO CA    C      sing N N 376 
PRO CA    CB     sing N N 377 
PRO CA    HA     sing N N 378 
PRO C     O      doub N N 379 
PRO C     OXT    sing N N 380 
PRO CB    CG     sing N N 381 
PRO CB    HB2    sing N N 382 
PRO CB    HB3    sing N N 383 
PRO CG    CD     sing N N 384 
PRO CG    HG2    sing N N 385 
PRO CG    HG3    sing N N 386 
PRO CD    HD2    sing N N 387 
PRO CD    HD3    sing N N 388 
PRO OXT   HXT    sing N N 389 
SER N     CA     sing N N 390 
SER N     H      sing N N 391 
SER N     H2     sing N N 392 
SER CA    C      sing N N 393 
SER CA    CB     sing N N 394 
SER CA    HA     sing N N 395 
SER C     O      doub N N 396 
SER C     OXT    sing N N 397 
SER CB    OG     sing N N 398 
SER CB    HB2    sing N N 399 
SER CB    HB3    sing N N 400 
SER OG    HG     sing N N 401 
SER OXT   HXT    sing N N 402 
THR N     CA     sing N N 403 
THR N     H      sing N N 404 
THR N     H2     sing N N 405 
THR CA    C      sing N N 406 
THR CA    CB     sing N N 407 
THR CA    HA     sing N N 408 
THR C     O      doub N N 409 
THR C     OXT    sing N N 410 
THR CB    OG1    sing N N 411 
THR CB    CG2    sing N N 412 
THR CB    HB     sing N N 413 
THR OG1   HG1    sing N N 414 
THR CG2   HG21   sing N N 415 
THR CG2   HG22   sing N N 416 
THR CG2   HG23   sing N N 417 
THR OXT   HXT    sing N N 418 
TRP N     CA     sing N N 419 
TRP N     H      sing N N 420 
TRP N     H2     sing N N 421 
TRP CA    C      sing N N 422 
TRP CA    CB     sing N N 423 
TRP CA    HA     sing N N 424 
TRP C     O      doub N N 425 
TRP C     OXT    sing N N 426 
TRP CB    CG     sing N N 427 
TRP CB    HB2    sing N N 428 
TRP CB    HB3    sing N N 429 
TRP CG    CD1    doub Y N 430 
TRP CG    CD2    sing Y N 431 
TRP CD1   NE1    sing Y N 432 
TRP CD1   HD1    sing N N 433 
TRP CD2   CE2    doub Y N 434 
TRP CD2   CE3    sing Y N 435 
TRP NE1   CE2    sing Y N 436 
TRP NE1   HE1    sing N N 437 
TRP CE2   CZ2    sing Y N 438 
TRP CE3   CZ3    doub Y N 439 
TRP CE3   HE3    sing N N 440 
TRP CZ2   CH2    doub Y N 441 
TRP CZ2   HZ2    sing N N 442 
TRP CZ3   CH2    sing Y N 443 
TRP CZ3   HZ3    sing N N 444 
TRP CH2   HH2    sing N N 445 
TRP OXT   HXT    sing N N 446 
TYR N     CA     sing N N 447 
TYR N     H      sing N N 448 
TYR N     H2     sing N N 449 
TYR CA    C      sing N N 450 
TYR CA    CB     sing N N 451 
TYR CA    HA     sing N N 452 
TYR C     O      doub N N 453 
TYR C     OXT    sing N N 454 
TYR CB    CG     sing N N 455 
TYR CB    HB2    sing N N 456 
TYR CB    HB3    sing N N 457 
TYR CG    CD1    doub Y N 458 
TYR CG    CD2    sing Y N 459 
TYR CD1   CE1    sing Y N 460 
TYR CD1   HD1    sing N N 461 
TYR CD2   CE2    doub Y N 462 
TYR CD2   HD2    sing N N 463 
TYR CE1   CZ     doub Y N 464 
TYR CE1   HE1    sing N N 465 
TYR CE2   CZ     sing Y N 466 
TYR CE2   HE2    sing N N 467 
TYR CZ    OH     sing N N 468 
TYR OH    HH     sing N N 469 
TYR OXT   HXT    sing N N 470 
U   OP3   P      sing N N 471 
U   OP3   HOP3   sing N N 472 
U   P     OP1    doub N N 473 
U   P     OP2    sing N N 474 
U   P     "O5'"  sing N N 475 
U   OP2   HOP2   sing N N 476 
U   "O5'" "C5'"  sing N N 477 
U   "C5'" "C4'"  sing N N 478 
U   "C5'" "H5'"  sing N N 479 
U   "C5'" "H5''" sing N N 480 
U   "C4'" "O4'"  sing N N 481 
U   "C4'" "C3'"  sing N N 482 
U   "C4'" "H4'"  sing N N 483 
U   "O4'" "C1'"  sing N N 484 
U   "C3'" "O3'"  sing N N 485 
U   "C3'" "C2'"  sing N N 486 
U   "C3'" "H3'"  sing N N 487 
U   "O3'" "HO3'" sing N N 488 
U   "C2'" "O2'"  sing N N 489 
U   "C2'" "C1'"  sing N N 490 
U   "C2'" "H2'"  sing N N 491 
U   "O2'" "HO2'" sing N N 492 
U   "C1'" N1     sing N N 493 
U   "C1'" "H1'"  sing N N 494 
U   N1    C2     sing N N 495 
U   N1    C6     sing N N 496 
U   C2    O2     doub N N 497 
U   C2    N3     sing N N 498 
U   N3    C4     sing N N 499 
U   N3    H3     sing N N 500 
U   C4    O4     doub N N 501 
U   C4    C5     sing N N 502 
U   C5    C6     doub N N 503 
U   C5    H5     sing N N 504 
U   C6    H6     sing N N 505 
VAL N     CA     sing N N 506 
VAL N     H      sing N N 507 
VAL N     H2     sing N N 508 
VAL CA    C      sing N N 509 
VAL CA    CB     sing N N 510 
VAL CA    HA     sing N N 511 
VAL C     O      doub N N 512 
VAL C     OXT    sing N N 513 
VAL CB    CG1    sing N N 514 
VAL CB    CG2    sing N N 515 
VAL CB    HB     sing N N 516 
VAL CG1   HG11   sing N N 517 
VAL CG1   HG12   sing N N 518 
VAL CG1   HG13   sing N N 519 
VAL CG2   HG21   sing N N 520 
VAL CG2   HG22   sing N N 521 
VAL CG2   HG23   sing N N 522 
VAL OXT   HXT    sing N N 523 
# 
_em_ctf_correction.id        1 
_em_ctf_correction.details   'CTF correction of 3D-maps by wiener filtration' 
_em_ctf_correction.type      . 
# 
_em_image_processing.id                   1 
_em_image_processing.image_recording_id   1 
_em_image_processing.details              ? 
# 
_em_image_recording.details                       ? 
_em_image_recording.id                            1 
_em_image_recording.avg_electron_dose_per_image   20 
_em_image_recording.film_or_detector_model        'KODAK SO-163 FILM' 
_em_image_recording.imaging_id                    1 
_em_image_recording.detector_mode                 ? 
_em_image_recording.average_exposure_time         ? 
_em_image_recording.num_diffraction_images        ? 
_em_image_recording.num_grids_imaged              ? 
_em_image_recording.num_real_images               ? 
# 
loop_
_em_software.id 
_em_software.name 
_em_software.version 
_em_software.category 
_em_software.details 
_em_software.image_processing_id 
1 O      ? 'MODEL FITTING' MANUAL ? 
2 SPIDER ? RECONSTRUCTION  ?      1 
# 
_em_specimen.experiment_id           1 
_em_specimen.id                      1 
_em_specimen.concentration           0.032 
_em_specimen.vitrification_applied   YES 
_em_specimen.staining_applied        NO 
_em_specimen.embedding_applied       NO 
_em_specimen.shadowing_applied       NO 
_em_specimen.details                 ? 
# 
loop_
_pdbx_coordinate_model.asym_id 
_pdbx_coordinate_model.type 
A 'P ATOMS ONLY'  
B 'CA ATOMS ONLY' 
# 
loop_
_pdbx_initial_refinement_model.id 
_pdbx_initial_refinement_model.type 
_pdbx_initial_refinement_model.source_name 
_pdbx_initial_refinement_model.accession_code 
1 'experimental model' PDB 1FJF 
2 'experimental model' PDB 1EGA 
# 
_atom_sites.entry_id                    1X1L 
_atom_sites.fract_transf_matrix[1][1]   1.000000 
_atom_sites.fract_transf_matrix[1][2]   0.000000 
_atom_sites.fract_transf_matrix[1][3]   0.000000 
_atom_sites.fract_transf_matrix[2][1]   0.000000 
_atom_sites.fract_transf_matrix[2][2]   1.000000 
_atom_sites.fract_transf_matrix[2][3]   0.000000 
_atom_sites.fract_transf_matrix[3][1]   0.000000 
_atom_sites.fract_transf_matrix[3][2]   0.000000 
_atom_sites.fract_transf_matrix[3][3]   1.000000 
_atom_sites.fract_transf_vector[1]      0.00000 
_atom_sites.fract_transf_vector[2]      0.00000 
_atom_sites.fract_transf_vector[3]      0.00000 
# 
loop_
_atom_type.symbol 
C 
P 
# 
loop_
_atom_site.group_PDB 
_atom_site.id 
_atom_site.type_symbol 
_atom_site.label_atom_id 
_atom_site.label_alt_id 
_atom_site.label_comp_id 
_atom_site.label_asym_id 
_atom_site.label_entity_id 
_atom_site.label_seq_id 
_atom_site.pdbx_PDB_ins_code 
_atom_site.Cartn_x 
_atom_site.Cartn_y 
_atom_site.Cartn_z 
_atom_site.occupancy 
_atom_site.B_iso_or_equiv 
_atom_site.pdbx_formal_charge 
_atom_site.auth_seq_id 
_atom_site.auth_comp_id 
_atom_site.auth_asym_id 
_atom_site.auth_atom_id 
_atom_site.pdbx_PDB_model_num 
ATOM 1   P P  . C   A 1 1   ? 44.028  -15.692  -6.636  1.00 37.57 ? 400 C   A P  1 
ATOM 2   P P  . G   A 1 2   ? 47.050  -20.620  -3.148  1.00 51.68 ? 401 G   A P  1 
ATOM 3   P P  . C   A 1 3   ? 45.779  -23.177  1.356   1.00 43.91 ? 402 C   A P  1 
ATOM 4   P P  . C   A 1 4   ? 43.046  -28.154  3.141   1.00 63.28 ? 403 C   A P  1 
ATOM 5   P P  . C   A 1 5   ? 40.999  -33.572  1.217   1.00 53.55 ? 404 C   A P  1 
ATOM 6   P P  . G   A 1 6   ? 40.443  -38.811  -0.873  1.00 59.94 ? 405 G   A P  1 
ATOM 7   P P  . U   A 1 7   ? 42.716  -43.500  -4.034  1.00 73.43 ? 406 U   A P  1 
ATOM 8   P P  . C   A 1 8   ? 45.416  -47.269  -7.155  1.00 76.27 ? 407 C   A P  1 
ATOM 9   P P  . A   A 1 9   ? 51.452  -48.625  -7.915  1.00 81.58 ? 408 A   A P  1 
ATOM 10  P P  . C   A 1 10  ? 56.557  -48.430  -5.291  1.00 86.68 ? 409 C   A P  1 
ATOM 11  P P  . G   A 1 11  ? 59.508  -48.577  -0.627  1.00 95.83 ? 410 G   A P  1 
ATOM 12  P P  . C   A 1 12  ? 59.443  -49.805  4.868   1.00 63.78 ? 411 C   A P  1 
ATOM 13  P P  . C   A 1 13  ? 56.723  -52.039  9.849   1.00 70.59 ? 412 C   A P  1 
ATOM 14  P P  . A   A 1 14  ? 52.681  -54.732  13.015  1.00 7.44  ? 413 A   A P  1 
ATOM 15  P P  . U   A 1 15  ? 47.512  -58.112  13.579  1.00 85.87 ? 414 U   A P  1 
ATOM 16  P P  . G   A 1 16  ? 42.669  -60.911  10.928  1.00 84.46 ? 415 G   A P  1 
ATOM 17  P P  . G   A 1 17  ? 39.502  -63.969  7.967   1.00 85.98 ? 416 G   A P  1 
ATOM 18  P P  . G   A 1 18  ? 38.700  -68.299  4.592   1.00 24.72 ? 417 G   A P  1 
ATOM 19  P P  . A   A 1 19  ? 42.387  -72.887  2.735   1.00 0.89  ? 418 A   A P  1 
ATOM 20  P P  . G   A 1 20  ? 43.655  -78.076  1.083   1.00 2.21  ? 419 G   A P  1 
ATOM 21  P P  . C   A 1 21  ? 47.786  -81.740  3.958   1.00 9.75  ? 420 C   A P  1 
ATOM 22  P P  . G   A 1 22  ? 50.623  -83.262  8.957   1.00 1.80  ? 421 G   A P  1 
ATOM 23  P P  . G   A 1 23  ? 31.211  -77.526  11.777  1.00 0.00  ? 422 G   A P  1 
ATOM 24  P P  . G   A 1 24  ? 47.099  -83.582  19.194  1.00 0.68  ? 423 G   A P  1 
ATOM 25  P P  . C   A 1 25  ? 42.359  -83.236  23.070  1.00 3.65  ? 424 C   A P  1 
ATOM 26  P P  . U   A 1 26  ? 37.046  -83.158  24.861  1.00 0.65  ? 425 U   A P  1 
ATOM 27  P P  . C   A 1 27  ? 31.563  -84.886  23.808  1.00 5.88  ? 426 C   A P  1 
ATOM 28  P P  . U   A 1 28  ? 27.112  -87.876  21.682  1.00 9.74  ? 427 U   A P  1 
ATOM 29  P P  . A   A 1 29  ? 25.084  -92.647  19.538  1.00 1.27  ? 428 A   A P  1 
ATOM 30  P P  . C   A 1 30  ? 25.392  -98.112  18.478  1.00 4.12  ? 429 C   A P  1 
ATOM 31  P P  . C   A 1 31  ? 29.332  -103.096 19.073  1.00 0.56  ? 430 C   A P  1 
ATOM 32  P P  . C   A 1 32  ? 33.741  -105.989 21.275  1.00 89.17 ? 431 C   A P  1 
ATOM 33  P P  . G   A 1 33  ? 37.097  -107.004 25.601  1.00 82.30 ? 432 G   A P  1 
ATOM 34  P P  . A   A 1 34  ? 38.456  -105.303 31.486  1.00 63.36 ? 433 A   A P  1 
ATOM 35  P P  . A   A 1 35  ? 40.696  -105.835 36.666  1.00 51.92 ? 434 A   A P  1 
ATOM 36  P P  . G   A 1 36  ? 39.735  -104.933 41.987  1.00 1.10  ? 435 G   A P  1 
ATOM 37  P P  . U   A 1 37  ? 35.163  -104.418 45.419  1.00 5.27  ? 436 U   A P  1 
ATOM 38  P P  . C   A 1 38  ? 29.257  -105.066 47.078  1.00 52.41 ? 437 C   A P  1 
ATOM 39  P P  . G   A 1 39  ? 24.365  -107.657 45.318  1.00 55.45 ? 438 G   A P  1 
ATOM 40  P P  . C   A 1 40  ? 21.885  -112.331 43.183  1.00 63.39 ? 439 C   A P  1 
ATOM 41  P P  . C   A 1 41  ? 22.376  -118.028 42.016  1.00 72.57 ? 440 C   A P  1 
ATOM 42  P P  . G   A 1 42  ? 25.081  -123.053 42.244  1.00 70.40 ? 441 G   A P  1 
ATOM 43  P P  . G   A 1 43  ? 28.468  -125.857 44.952  1.00 9.49  ? 442 G   A P  1 
ATOM 44  P P  . G   A 1 44  ? 30.664  -130.966 43.798  1.00 13.54 ? 443 G   A P  1 
ATOM 45  P P  . A   A 1 45  ? 31.634  -132.876 39.069  1.00 28.42 ? 446 A   A P  1 
ATOM 46  P P  . G   A 1 46  ? 35.943  -130.808 43.962  1.00 75.70 ? 447 G   A P  1 
ATOM 47  P P  . C   A 1 47  ? 39.566  -129.622 48.802  1.00 70.82 ? 448 C   A P  1 
ATOM 48  P P  . C   A 1 48  ? 39.608  -128.250 54.307  1.00 67.46 ? 449 C   A P  1 
ATOM 49  P P  . U   A 1 49  ? 36.661  -128.192 58.841  1.00 59.89 ? 450 U   A P  1 
ATOM 50  P P  . A   A 1 50  ? 31.265  -129.713 61.401  1.00 52.76 ? 451 A   A P  1 
ATOM 51  P P  . C   A 1 51  ? 24.924  -129.573 61.447  1.00 61.15 ? 452 C   A P  1 
ATOM 52  P P  . G   A 1 52  ? 21.041  -128.689 56.012  1.00 53.65 ? 453 G   A P  1 
ATOM 53  P P  . G   A 1 53  ? 22.164  -122.930 52.969  1.00 62.84 ? 454 G   A P  1 
ATOM 54  P P  . G   A 1 54  ? 26.512  -118.040 52.006  1.00 57.91 ? 455 G   A P  1 
ATOM 55  P P  . C   A 1 55  ? 31.382  -115.214 51.266  1.00 56.29 ? 459 C   A P  1 
ATOM 56  P P  . A   A 1 56  ? 36.506  -114.495 48.468  1.00 76.35 ? 460 A   A P  1 
ATOM 57  P P  . G   A 1 57  ? 40.041  -115.179 44.160  1.00 69.22 ? 461 G   A P  1 
ATOM 58  P P  . G   A 1 58  ? 38.740  -116.294 38.420  1.00 79.57 ? 462 G   A P  1 
ATOM 59  P P  . C   A 1 59  ? 35.840  -115.852 33.744  1.00 64.81 ? 463 C   A P  1 
ATOM 60  P P  . G   A 1 60  ? 31.709  -112.956 30.613  1.00 76.92 ? 464 G   A P  1 
ATOM 61  P P  . C   A 1 61  ? 28.248  -107.957 29.838  1.00 69.48 ? 465 C   A P  1 
ATOM 62  P P  . C   A 1 62  ? 26.733  -102.666 29.866  1.00 67.72 ? 466 C   A P  1 
ATOM 63  P P  . G   A 1 63  ? 28.233  -97.159  31.207  1.00 2.96  ? 467 G   A P  1 
ATOM 64  P P  . A   A 1 64  ? 33.385  -94.290  31.592  1.00 6.27  ? 468 A   A P  1 
ATOM 65  P P  . G   A 1 65  ? 37.702  -90.820  30.388  1.00 8.31  ? 469 G   A P  1 
ATOM 66  P P  . G   A 1 66  ? 41.814  -91.854  25.924  1.00 2.26  ? 470 G   A P  1 
ATOM 67  P P  . G   A 1 67  ? 43.158  -93.825  20.471  1.00 0.42  ? 471 G   A P  1 
ATOM 68  P P  . U   A 1 68  ? 42.503  -95.609  15.140  1.00 4.08  ? 472 U   A P  1 
ATOM 69  P P  . A   A 1 69  ? 39.759  -94.817  10.218  1.00 26.95 ? 473 A   A P  1 
ATOM 70  P P  . G   A 1 70  ? 36.239  -91.516  7.320   1.00 8.06  ? 474 G   A P  1 
ATOM 71  P P  . G   A 1 71  ? 33.176  -86.306  6.736   1.00 9.41  ? 475 G   A P  1 
ATOM 72  P P  . G   A 1 72  ? 31.374  -80.969  8.385   1.00 0.94  ? 476 G   A P  1 
ATOM 73  P P  . C   A 1 73  ? 32.152  -75.940  11.286  1.00 3.87  ? 477 C   A P  1 
ATOM 74  P P  . C   A 1 74  ? 35.824  -72.242  14.298  1.00 44.90 ? 478 C   A P  1 
ATOM 75  P P  . C   A 1 75  ? 40.870  -69.374  16.646  1.00 81.02 ? 479 C   A P  1 
ATOM 76  P P  . G   A 1 76  ? 46.725  -68.319  16.873  1.00 34.12 ? 480 G   A P  1 
ATOM 77  P P  . U   A 1 77  ? 51.913  -67.992  14.230  1.00 33.09 ? 481 U   A P  1 
ATOM 78  P P  . G   A 1 78  ? 54.883  -67.730  9.215   1.00 26.17 ? 482 G   A P  1 
ATOM 79  P P  . A   A 1 79  ? 53.880  -67.010  3.182   1.00 31.52 ? 483 A   A P  1 
ATOM 80  P P  . C   A 1 80  ? 54.293  -65.959  -2.346  1.00 24.28 ? 484 C   A P  1 
ATOM 81  P P  . U   A 1 81  ? 49.880  -63.265  -5.492  1.00 16.70 ? 485 U   A P  1 
ATOM 82  P P  . G   A 1 82  ? 45.414  -58.937  -4.991  1.00 8.72  ? 486 G   A P  1 
ATOM 83  P P  . G   A 1 83  ? 42.906  -54.060  -3.798  1.00 19.99 ? 487 G   A P  1 
ATOM 84  P P  . G   A 1 84  ? 41.569  -48.861  0.260   1.00 73.32 ? 488 G   A P  1 
ATOM 85  P P  . G   A 1 85  ? 42.143  -45.372  4.622   1.00 89.26 ? 489 G   A P  1 
ATOM 86  P P  . C   A 1 86  ? 44.655  -41.506  8.305   1.00 39.41 ? 490 C   A P  1 
ATOM 87  P P  . G   A 1 87  ? 49.378  -38.583  9.392   1.00 84.39 ? 491 G   A P  1 
ATOM 88  P P  . A   A 1 88  ? 53.979  -35.841  7.929   1.00 60.38 ? 492 A   A P  1 
ATOM 89  P P  . A   A 1 89  ? 55.028  -33.381  1.513   1.00 0.93  ? 493 A   A P  1 
ATOM 90  P P  . G   A 1 90  ? 55.694  -32.579  -3.621  1.00 18.15 ? 494 G   A P  1 
ATOM 91  P P  . U   A 1 91  ? 55.599  -33.717  -9.263  1.00 79.93 ? 495 U   A P  1 
ATOM 92  P P  . C   A 1 92  ? 52.779  -34.480  -13.644 1.00 76.77 ? 496 C   A P  1 
ATOM 93  P P  . G   A 1 93  ? 48.306  -33.210  -16.408 1.00 65.71 ? 497 G   A P  1 
ATOM 94  P P  . U   A 1 94  ? 42.164  -30.648  -15.596 1.00 53.61 ? 498 U   A P  1 
ATOM 95  P P  . A   A 1 95  ? 36.648  -30.488  -11.821 1.00 39.64 ? 499 A   A P  1 
ATOM 96  P P  . A   A 1 96  ? 32.794  -30.089  -8.961  1.00 36.81 ? 500 A   A P  1 
ATOM 97  P P  . C   A 1 97  ? 30.363  -27.608  -4.791  1.00 28.55 ? 501 C   A P  1 
ATOM 98  P P  . A   A 1 98  ? 29.358  -23.671  -1.778  1.00 38.86 ? 502 A   A P  1 
ATOM 99  P P  . A   A 1 99  ? 26.974  -19.397  -4.305  1.00 58.25 ? 503 A   A P  1 
ATOM 100 P P  . G   A 1 100 ? 28.503  -24.048  -8.914  1.00 39.66 ? 504 G   A P  1 
ATOM 101 P P  . G   A 1 101 ? 32.848  -26.315  -10.861 1.00 46.45 ? 505 G   A P  1 
ATOM 102 P P  . U   A 1 102 ? 31.640  -25.794  -16.564 1.00 45.98 ? 506 U   A P  1 
ATOM 103 P P  . A   A 1 103 ? 25.070  -25.371  -13.911 1.00 42.53 ? 507 A   A P  1 
ATOM 104 P P  . G   A 1 104 ? 27.328  -29.634  -9.477  1.00 44.02 ? 508 G   A P  1 
ATOM 105 P P  . C   A 1 105 ? 28.140  -33.570  -4.928  1.00 31.50 ? 509 C   A P  1 
ATOM 106 P P  . U   A 1 106 ? 26.402  -38.160  -1.621  1.00 28.92 ? 510 U   A P  1 
ATOM 107 P P  . G   A 1 107 ? 23.488  -42.946  -1.194  1.00 31.17 ? 511 G   A P  1 
ATOM 108 P P  . U   A 1 108 ? 22.499  -48.238  -3.067  1.00 37.18 ? 512 U   A P  1 
ATOM 109 P P  . A   A 1 109 ? 22.416  -51.623  -8.071  1.00 43.77 ? 513 A   A P  1 
ATOM 110 P P  . C   A 1 110 ? 25.008  -52.723  -13.037 1.00 39.38 ? 514 C   A P  1 
ATOM 111 P P  . C   A 1 111 ? 29.316  -51.979  -17.289 1.00 41.34 ? 515 C   A P  1 
ATOM 112 P P  . G   A 1 112 ? 34.622  -49.628  -18.955 1.00 61.78 ? 516 G   A P  1 
ATOM 113 P P  . G   A 1 113 ? 39.587  -46.940  -18.771 1.00 64.46 ? 517 G   A P  1 
ATOM 114 P P  . A   A 1 114 ? 39.381  -44.996  -14.001 1.00 61.15 ? 518 A   A P  1 
ATOM 115 P P  . A   A 1 115 ? 37.739  -42.737  -9.169  1.00 64.48 ? 519 A   A P  1 
ATOM 116 P P  . G   A 1 116 ? 34.635  -38.028  -6.595  1.00 46.11 ? 520 G   A P  1 
ATOM 117 P P  . G   A 1 117 ? 31.020  -35.537  -11.878 1.00 41.19 ? 521 G   A P  1 
ATOM 118 P P  . U   A 1 118 ? 27.333  -35.363  -15.959 1.00 42.37 ? 522 U   A P  1 
ATOM 119 P P  . G   A 1 119 ? 21.889  -37.180  -17.739 1.00 36.12 ? 523 G   A P  1 
ATOM 120 P P  . C   A 1 120 ? 17.008  -39.156  -17.591 1.00 32.60 ? 524 C   A P  1 
ATOM 121 P P  . G   A 1 121 ? 12.493  -39.339  -14.237 1.00 41.84 ? 525 G   A P  1 
ATOM 122 P P  . G   A 1 122 ? 10.744  -37.118  -9.103  1.00 38.97 ? 526 G   A P  1 
ATOM 123 P P  . C   A 1 123 ? 11.066  -34.637  -3.691  1.00 38.90 ? 527 C   A P  1 
ATOM 124 P P  . U   A 1 124 ? 12.723  -30.535  -0.006  1.00 42.99 ? 528 U   A P  1 
ATOM 125 P P  . G   A 1 125 ? 16.375  -26.050  3.356   1.00 41.42 ? 529 G   A P  1 
ATOM 126 P P  . G   A 1 126 ? 21.241  -24.972  1.599   1.00 49.85 ? 530 G   A P  1 
ATOM 127 P P  . A   A 1 127 ? 19.892  -20.508  -1.749  1.00 92.13 ? 531 A   A P  1 
ATOM 128 P P  . U   A 1 128 ? 21.419  -15.212  -3.819  1.00 84.33 ? 532 U   A P  1 
ATOM 129 P P  . C   A 1 129 ? 18.533  -11.476  -7.108  1.00 22.84 ? 533 C   A P  1 
ATOM 130 P P  . A   A 1 130 ? 15.981  -15.384  -11.366 0.00 3.67  ? 534 A   A P  1 
ATOM 131 C CA . ASP B 2 4   ? -31.577 -3.518   8.768   1.00 0.00  ? 4   ASP X CA 1 
ATOM 132 C CA . LYS B 2 5   ? -28.900 -0.689   8.258   1.00 71.72 ? 5   LYS X CA 1 
ATOM 133 C CA . SER B 2 6   ? -25.731 -1.181   6.015   1.00 34.87 ? 6   SER X CA 1 
ATOM 134 C CA . TYR B 2 7   ? -22.573 1.098    6.195   1.00 22.00 ? 7   TYR X CA 1 
ATOM 135 C CA . CYS B 2 8   ? -20.127 1.675    3.207   1.00 20.72 ? 8   CYS X CA 1 
ATOM 136 C CA . GLY B 2 9   ? -17.266 4.312    2.783   1.00 19.53 ? 9   GLY X CA 1 
ATOM 137 C CA . PHE B 2 10  ? -13.843 5.263    1.296   1.00 27.68 ? 10  PHE X CA 1 
ATOM 138 C CA . ILE B 2 11  ? -10.850 5.415    3.781   1.00 31.53 ? 11  ILE X CA 1 
ATOM 139 C CA . ALA B 2 12  ? -7.248  6.580    2.895   1.00 30.59 ? 12  ALA X CA 1 
ATOM 140 C CA . ILE B 2 13  ? -4.028  4.596    3.887   1.00 30.32 ? 13  ILE X CA 1 
ATOM 141 C CA . VAL B 2 14  ? -1.300  7.276    3.156   1.00 30.53 ? 14  VAL X CA 1 
ATOM 142 C CA . GLY B 2 15  ? 2.453   7.890    3.860   1.00 30.19 ? 15  GLY X CA 1 
ATOM 143 C CA . ARG B 2 16  ? 5.825   8.065    2.009   1.00 28.37 ? 16  ARG X CA 1 
ATOM 144 C CA . PRO B 2 17  ? 7.396   4.791    0.449   1.00 27.34 ? 17  PRO X CA 1 
ATOM 145 C CA . ASN B 2 18  ? 9.423   2.937    3.265   1.00 33.59 ? 18  ASN X CA 1 
ATOM 146 C CA . VAL B 2 19  ? 6.630   3.036    6.026   1.00 30.33 ? 19  VAL X CA 1 
ATOM 147 C CA . GLY B 2 20  ? 4.231   -0.102   6.215   1.00 23.50 ? 20  GLY X CA 1 
ATOM 148 C CA . LYS B 2 21  ? 0.986   0.924    4.319   1.00 30.98 ? 21  LYS X CA 1 
ATOM 149 C CA . SER B 2 22  ? 0.415   -2.515   2.536   1.00 30.86 ? 22  SER X CA 1 
ATOM 150 C CA . THR B 2 23  ? 0.883   -4.255   6.030   1.00 18.69 ? 23  THR X CA 1 
ATOM 151 C CA . LEU B 2 24  ? -1.813  -2.078   7.783   1.00 31.48 ? 24  LEU X CA 1 
ATOM 152 C CA . LEU B 2 25  ? -4.042  -2.925   4.740   1.00 31.53 ? 25  LEU X CA 1 
ATOM 153 C CA . ASN B 2 26  ? -3.342  -6.811   5.084   1.00 27.83 ? 26  ASN X CA 1 
ATOM 154 C CA . LYS B 2 27  ? -4.059  -6.718   8.935   1.00 32.75 ? 27  LYS X CA 1 
ATOM 155 C CA . LEU B 2 28  ? -7.275  -4.467   8.468   1.00 27.98 ? 28  LEU X CA 1 
ATOM 156 C CA . LEU B 2 29  ? -8.489  -6.782   5.541   1.00 21.98 ? 29  LEU X CA 1 
ATOM 157 C CA . GLY B 2 30  ? -8.490  -9.931   7.919   1.00 22.63 ? 30  GLY X CA 1 
ATOM 158 C CA . GLN B 2 31  ? -7.002  -12.280  5.207   1.00 38.81 ? 31  GLN X CA 1 
ATOM 159 C CA . LYS B 2 32  ? -5.200  -15.411  6.714   1.00 32.16 ? 32  LYS X CA 1 
ATOM 160 C CA . ILE B 2 33  ? -2.975  -15.922  3.589   1.00 19.18 ? 33  ILE X CA 1 
ATOM 161 C CA . SER B 2 34  ? -2.693  -12.149  2.610   1.00 29.41 ? 34  SER X CA 1 
ATOM 162 C CA . ILE B 2 35  ? -1.406  -10.832  -0.901  1.00 27.99 ? 35  ILE X CA 1 
ATOM 163 C CA . THR B 2 36  ? 1.247   -7.852   -1.297  1.00 64.37 ? 36  THR X CA 1 
ATOM 164 C CA . SER B 2 37  ? 1.783   -5.680   -4.597  1.00 87.12 ? 37  SER X CA 1 
ATOM 165 C CA . ARG B 2 38  ? 4.859   -3.860   -6.333  1.00 0.00  ? 38  ARG X CA 1 
ATOM 166 C CA . LYS B 2 39  ? 2.850   -0.635   -7.201  1.00 0.00  ? 39  LYS X CA 1 
ATOM 167 C CA . ALA B 2 40  ? 3.753   2.849    -7.855  1.00 98.66 ? 40  ALA X CA 1 
ATOM 168 C CA . GLN B 2 41  ? 2.479   1.386    -10.848 1.00 0.00  ? 41  GLN X CA 1 
ATOM 169 C CA . THR B 2 42  ? -0.095  4.198    -9.917  1.00 85.48 ? 42  THR X CA 1 
ATOM 170 C CA . THR B 2 43  ? -3.144  3.538    -11.806 1.00 77.53 ? 43  THR X CA 1 
ATOM 171 C CA . ARG B 2 44  ? -6.162  5.987    -12.268 1.00 46.36 ? 44  ARG X CA 1 
ATOM 172 C CA . HIS B 2 45  ? -8.931  5.846    -9.418  1.00 34.93 ? 45  HIS X CA 1 
ATOM 173 C CA . ARG B 2 46  ? -7.303  4.980    -5.888  1.00 24.93 ? 46  ARG X CA 1 
ATOM 174 C CA . ILE B 2 47  ? -8.273  1.518    -3.929  1.00 23.77 ? 47  ILE X CA 1 
ATOM 175 C CA . VAL B 2 48  ? -5.395  -0.802   -2.688  1.00 12.66 ? 48  VAL X CA 1 
ATOM 176 C CA . GLY B 2 49  ? -8.018  -3.307   -1.036  1.00 8.13  ? 49  GLY X CA 1 
ATOM 177 C CA . ILE B 2 50  ? -11.598 -3.723   0.658   1.00 19.07 ? 50  ILE X CA 1 
ATOM 178 C CA . HIS B 2 51  ? -12.736 -5.335   4.025   1.00 24.45 ? 51  HIS X CA 1 
ATOM 179 C CA . THR B 2 52  ? -16.493 -6.461   4.059   1.00 20.79 ? 52  THR X CA 1 
ATOM 180 C CA . GLU B 2 53  ? -17.713 -8.073   7.396   1.00 39.41 ? 53  GLU X CA 1 
ATOM 181 C CA . GLY B 2 54  ? -21.588 -8.387   7.732   1.00 23.72 ? 54  GLY X CA 1 
ATOM 182 C CA . ALA B 2 55  ? -23.243 -4.889   7.541   1.00 18.67 ? 55  ALA X CA 1 
ATOM 183 C CA . TYR B 2 56  ? -19.841 -2.950   7.178   1.00 25.54 ? 56  TYR X CA 1 
ATOM 184 C CA . GLN B 2 57  ? -17.741 -2.272   3.938   1.00 18.94 ? 57  GLN X CA 1 
ATOM 185 C CA . ALA B 2 58  ? -14.351 -0.438   4.598   1.00 26.92 ? 58  ALA X CA 1 
ATOM 186 C CA . ILE B 2 59  ? -12.737 0.653    1.252   1.00 21.33 ? 59  ILE X CA 1 
ATOM 187 C CA . TYR B 2 60  ? -8.920  1.356    1.653   1.00 25.99 ? 60  TYR X CA 1 
ATOM 188 C CA . VAL B 2 61  ? -7.528  4.014    -0.876  1.00 24.91 ? 61  VAL X CA 1 
ATOM 189 C CA . ASP B 2 62  ? -3.873  5.298    -1.492  1.00 25.73 ? 62  ASP X CA 1 
ATOM 190 C CA . THR B 2 63  ? -5.082  9.062    -1.735  1.00 29.06 ? 63  THR X CA 1 
ATOM 191 C CA . PRO B 2 64  ? -6.451  11.770   0.819   1.00 28.74 ? 64  PRO X CA 1 
ATOM 192 C CA . GLY B 2 65  ? -9.240  12.846   -1.714  1.00 30.37 ? 65  GLY X CA 1 
ATOM 193 C CA . LEU B 2 66  ? -11.039 11.180   -4.706  1.00 40.03 ? 66  LEU X CA 1 
ATOM 194 C CA . HIS B 2 67  ? -10.950 13.246   -8.022  1.00 55.08 ? 67  HIS X CA 1 
ATOM 195 C CA . MET B 2 68  ? -13.670 13.243   -10.867 1.00 48.63 ? 68  MET X CA 1 
ATOM 196 C CA . GLU B 2 69  ? -11.237 11.407   -13.334 1.00 51.79 ? 69  GLU X CA 1 
ATOM 197 C CA . GLU B 2 70  ? -10.946 8.937    -10.336 1.00 41.10 ? 70  GLU X CA 1 
ATOM 198 C CA . LYS B 2 71  ? -14.845 8.597    -9.691  1.00 46.53 ? 71  LYS X CA 1 
ATOM 199 C CA . ARG B 2 72  ? -15.779 8.000    -13.478 1.00 49.37 ? 72  ARG X CA 1 
ATOM 200 C CA . ALA B 2 73  ? -13.461 4.881    -13.568 1.00 34.89 ? 73  ALA X CA 1 
ATOM 201 C CA . ILE B 2 74  ? -14.922 3.705    -10.087 1.00 44.82 ? 74  ILE X CA 1 
ATOM 202 C CA . ASN B 2 75  ? -17.907 2.486    -12.305 1.00 42.19 ? 75  ASN X CA 1 
ATOM 203 C CA . ARG B 2 76  ? -15.573 0.863    -15.092 1.00 29.44 ? 76  ARG X CA 1 
ATOM 204 C CA . LEU B 2 77  ? -14.438 -2.360   -13.085 1.00 30.97 ? 77  LEU X CA 1 
ATOM 205 C CA . MET B 2 78  ? -18.094 -2.840   -11.647 1.00 45.49 ? 78  MET X CA 1 
ATOM 206 C CA . ASN B 2 79  ? -19.564 -2.410   -15.253 1.00 47.54 ? 79  ASN X CA 1 
ATOM 207 C CA . LYS B 2 80  ? -21.947 0.443    -14.040 1.00 22.63 ? 80  LYS X CA 1 
ATOM 208 C CA . ALA B 2 81  ? -22.650 3.803    -15.868 1.00 31.85 ? 81  ALA X CA 1 
ATOM 209 C CA . ALA B 2 82  ? -20.008 6.647    -15.287 1.00 19.99 ? 82  ALA X CA 1 
ATOM 210 C CA . SER B 2 83  ? -22.822 8.979    -13.857 1.00 43.02 ? 83  SER X CA 1 
ATOM 211 C CA . SER B 2 84  ? -23.629 6.502    -10.878 1.00 28.40 ? 84  SER X CA 1 
ATOM 212 C CA . SER B 2 85  ? -23.092 8.296    -7.491  1.00 35.73 ? 85  SER X CA 1 
ATOM 213 C CA . ILE B 2 86  ? -19.717 7.603    -5.672  1.00 30.48 ? 86  ILE X CA 1 
ATOM 214 C CA . GLY B 2 87  ? -18.872 8.760    -2.044  1.00 32.52 ? 87  GLY X CA 1 
ATOM 215 C CA . ASP B 2 88  ? -15.822 10.773   -0.771  1.00 32.41 ? 88  ASP X CA 1 
ATOM 216 C CA . VAL B 2 89  ? -12.896 9.878    1.652   1.00 29.10 ? 89  VAL X CA 1 
ATOM 217 C CA . GLU B 2 90  ? -14.388 9.718    5.251   1.00 29.03 ? 90  GLU X CA 1 
ATOM 218 C CA . LEU B 2 91  ? -11.223 8.780    7.395   1.00 30.30 ? 91  LEU X CA 1 
ATOM 219 C CA . VAL B 2 92  ? -7.428  9.255    6.582   1.00 32.65 ? 92  VAL X CA 1 
ATOM 220 C CA . ILE B 2 93  ? -4.837  6.772    8.129   1.00 24.87 ? 93  ILE X CA 1 
ATOM 221 C CA . PHE B 2 94  ? -1.436  8.675    7.881   1.00 24.55 ? 94  PHE X CA 1 
ATOM 222 C CA . VAL B 2 95  ? 1.373   6.092    8.578   1.00 28.17 ? 95  VAL X CA 1 
ATOM 223 C CA . VAL B 2 96  ? 4.962   7.265    9.687   1.00 33.66 ? 96  VAL X CA 1 
ATOM 224 C CA . GLU B 2 97  ? 8.338   5.417    10.472  1.00 37.21 ? 97  GLU X CA 1 
ATOM 225 C CA . GLY B 2 98  ? 8.866   5.789    14.346  1.00 32.78 ? 98  GLY X CA 1 
ATOM 226 C CA . THR B 2 99  ? 11.293  8.806    14.695  1.00 25.40 ? 99  THR X CA 1 
ATOM 227 C CA . ARG B 2 100 ? 11.821  9.593    10.862  1.00 21.88 ? 100 ARG X CA 1 
ATOM 228 C CA . TRP B 2 101 ? 10.478  12.957   9.464   1.00 19.00 ? 101 TRP X CA 1 
ATOM 229 C CA . THR B 2 102 ? 11.803  13.140   5.820   1.00 38.52 ? 102 THR X CA 1 
ATOM 230 C CA . PRO B 2 103 ? 10.422  16.022   3.434   1.00 32.44 ? 103 PRO X CA 1 
ATOM 231 C CA . ASP B 2 104 ? 8.380   13.139   1.749   1.00 38.12 ? 104 ASP X CA 1 
ATOM 232 C CA . ASP B 2 105 ? 6.426   12.708   5.157   1.00 34.04 ? 105 ASP X CA 1 
ATOM 233 C CA . GLU B 2 106 ? 5.677   16.554   5.159   1.00 38.78 ? 106 GLU X CA 1 
ATOM 234 C CA . MET B 2 107 ? 4.645   16.438   1.363   1.00 55.88 ? 107 MET X CA 1 
ATOM 235 C CA . VAL B 2 108 ? 1.934   13.785   2.329   1.00 35.75 ? 108 VAL X CA 1 
ATOM 236 C CA . LEU B 2 109 ? 0.878   15.799   5.566   1.00 40.11 ? 109 LEU X CA 1 
ATOM 237 C CA . ASN B 2 110 ? 0.459   19.106   3.487   1.00 34.68 ? 110 ASN X CA 1 
ATOM 238 C CA . LYS B 2 111 ? -2.168  17.240   1.233   1.00 44.25 ? 111 LYS X CA 1 
ATOM 239 C CA . LEU B 2 112 ? -4.188  15.969   4.392   1.00 56.08 ? 112 LEU X CA 1 
ATOM 240 C CA . ARG B 2 113 ? -4.693  19.263   6.468   1.00 83.64 ? 113 ARG X CA 1 
ATOM 241 C CA . GLU B 2 114 ? -6.343  20.960   3.340   1.00 83.87 ? 114 GLU X CA 1 
ATOM 242 C CA . GLY B 2 115 ? -9.474  18.679   3.661   1.00 83.70 ? 115 GLY X CA 1 
ATOM 243 C CA . LYS B 2 116 ? -12.754 17.888   5.576   1.00 55.76 ? 116 LYS X CA 1 
ATOM 244 C CA . ALA B 2 117 ? -11.784 14.124   6.180   1.00 29.11 ? 117 ALA X CA 1 
ATOM 245 C CA . PRO B 2 118 ? -10.375 13.511   9.846   1.00 30.62 ? 118 PRO X CA 1 
ATOM 246 C CA . VAL B 2 119 ? -6.830  11.962   10.172  1.00 28.97 ? 119 VAL X CA 1 
ATOM 247 C CA . ILE B 2 120 ? -5.319  9.120    12.354  1.00 30.24 ? 120 ILE X CA 1 
ATOM 248 C CA . LEU B 2 121 ? -1.488  9.201    12.923  1.00 32.26 ? 121 LEU X CA 1 
ATOM 249 C CA . ALA B 2 122 ? -0.434  5.457    12.780  1.00 36.16 ? 122 ALA X CA 1 
ATOM 250 C CA . VAL B 2 123 ? 3.224   5.540    14.145  1.00 45.95 ? 123 VAL X CA 1 
ATOM 251 C CA . ASN B 2 124 ? 4.693   2.258    12.646  1.00 55.26 ? 124 ASN X CA 1 
ATOM 252 C CA . LYS B 2 125 ? 7.913   0.556    13.992  1.00 61.43 ? 125 LYS X CA 1 
ATOM 253 C CA . VAL B 2 126 ? 7.623   2.020    17.630  1.00 67.10 ? 126 VAL X CA 1 
ATOM 254 C CA . ASP B 2 127 ? 9.536   -1.138   18.951  1.00 81.85 ? 127 ASP X CA 1 
ATOM 255 C CA . ASN B 2 128 ? 12.467  -0.317   16.437  1.00 84.53 ? 128 ASN X CA 1 
ATOM 256 C CA . VAL B 2 129 ? 13.167  3.081    18.303  1.00 93.92 ? 129 VAL X CA 1 
ATOM 257 C CA . GLN B 2 130 ? 15.099  1.683    21.375  1.00 0.00  ? 130 GLN X CA 1 
ATOM 258 C CA . GLU B 2 131 ? 15.938  5.342    22.502  1.00 93.80 ? 131 GLU X CA 1 
ATOM 259 C CA . LYS B 2 132 ? 12.556  6.499    24.132  1.00 88.51 ? 132 LYS X CA 1 
ATOM 260 C CA . ALA B 2 133 ? 14.223  9.977    24.802  1.00 83.05 ? 133 ALA X CA 1 
ATOM 261 C CA . ASP B 2 134 ? 13.897  10.493   20.935  1.00 63.00 ? 134 ASP X CA 1 
ATOM 262 C CA . LEU B 2 135 ? 10.209  9.136    20.692  1.00 46.70 ? 135 LEU X CA 1 
ATOM 263 C CA . LEU B 2 136 ? 8.275   11.352   23.338  1.00 30.64 ? 136 LEU X CA 1 
ATOM 264 C CA . PRO B 2 137 ? 9.736   14.790   21.923  1.00 35.03 ? 137 PRO X CA 1 
ATOM 265 C CA . HIS B 2 138 ? 8.967   13.441   18.331  1.00 43.20 ? 138 HIS X CA 1 
ATOM 266 C CA . LEU B 2 139 ? 5.216   12.635   19.240  1.00 29.79 ? 139 LEU X CA 1 
ATOM 267 C CA . GLN B 2 140 ? 4.856   16.239   20.761  1.00 29.42 ? 140 GLN X CA 1 
ATOM 268 C CA . PHE B 2 141 ? 6.374   17.633   17.423  1.00 33.22 ? 141 PHE X CA 1 
ATOM 269 C CA . LEU B 2 142 ? 3.935   15.362   15.331  1.00 32.10 ? 142 LEU X CA 1 
ATOM 270 C CA . ALA B 2 143 ? 0.746   16.469   17.317  1.00 26.20 ? 143 ALA X CA 1 
ATOM 271 C CA . SER B 2 144 ? 2.004   20.161   16.882  1.00 37.10 ? 144 SER X CA 1 
ATOM 272 C CA . GLN B 2 145 ? 1.772   19.765   12.955  1.00 45.73 ? 145 GLN X CA 1 
ATOM 273 C CA . MET B 2 146 ? -2.139  19.494   12.889  1.00 29.09 ? 146 MET X CA 1 
ATOM 274 C CA . ASN B 2 147 ? -5.200  18.386   15.037  1.00 34.82 ? 147 ASN X CA 1 
ATOM 275 C CA . PHE B 2 148 ? -5.263  14.556   14.440  1.00 23.75 ? 148 PHE X CA 1 
ATOM 276 C CA . LEU B 2 149 ? -8.317  12.468   15.694  1.00 33.17 ? 149 LEU X CA 1 
ATOM 277 C CA . ASP B 2 150 ? -5.972  9.801    17.386  1.00 29.15 ? 150 ASP X CA 1 
ATOM 278 C CA . ILE B 2 151 ? -2.099  9.471    17.746  1.00 32.37 ? 151 ILE X CA 1 
ATOM 279 C CA . VAL B 2 152 ? -2.113  5.562    17.681  1.00 33.13 ? 152 VAL X CA 1 
ATOM 280 C CA . PRO B 2 153 ? 1.435   3.788    17.918  1.00 41.15 ? 153 PRO X CA 1 
ATOM 281 C CA . ILE B 2 154 ? 1.590   0.442    15.932  1.00 39.96 ? 154 ILE X CA 1 
ATOM 282 C CA . SER B 2 155 ? 3.758   -2.587   15.220  1.00 65.17 ? 155 SER X CA 1 
ATOM 283 C CA . ALA B 2 156 ? 2.067   -3.779   11.921  1.00 78.45 ? 156 ALA X CA 1 
ATOM 284 C CA . GLU B 2 157 ? 4.416   -6.881   12.212  1.00 86.66 ? 157 GLU X CA 1 
ATOM 285 C CA . THR B 2 158 ? 2.555   -7.666   15.606  1.00 51.09 ? 158 THR X CA 1 
ATOM 286 C CA . GLY B 2 159 ? -1.077  -6.357   14.953  1.00 73.97 ? 159 GLY X CA 1 
ATOM 287 C CA . LEU B 2 160 ? -0.499  -4.049   18.046  1.00 66.23 ? 160 LEU X CA 1 
ATOM 288 C CA . ASN B 2 161 ? -3.289  -1.339   17.804  1.00 62.79 ? 161 ASN X CA 1 
ATOM 289 C CA . VAL B 2 162 ? -4.833  -2.553   14.405  1.00 59.42 ? 162 VAL X CA 1 
ATOM 290 C CA . ASP B 2 163 ? -8.063  -3.575   16.377  1.00 54.09 ? 163 ASP X CA 1 
ATOM 291 C CA . THR B 2 164 ? -8.106  0.180    17.528  1.00 32.09 ? 164 THR X CA 1 
ATOM 292 C CA . ILE B 2 165 ? -7.697  1.465    13.824  1.00 26.44 ? 165 ILE X CA 1 
ATOM 293 C CA . ALA B 2 166 ? -10.440 -1.106   12.610  1.00 32.16 ? 166 ALA X CA 1 
ATOM 294 C CA . ALA B 2 167 ? -12.931 0.226    15.321  1.00 34.96 ? 167 ALA X CA 1 
ATOM 295 C CA . ILE B 2 168 ? -12.316 3.980    14.274  1.00 28.37 ? 168 ILE X CA 1 
ATOM 296 C CA . VAL B 2 169 ? -12.598 2.815    10.525  1.00 38.01 ? 169 VAL X CA 1 
ATOM 297 C CA . ARG B 2 170 ? -16.069 1.183    11.324  1.00 32.08 ? 170 ARG X CA 1 
ATOM 298 C CA . LYS B 2 171 ? -17.338 4.362    13.216  1.00 46.37 ? 171 LYS X CA 1 
ATOM 299 C CA . HIS B 2 172 ? -16.445 6.466    10.007  1.00 31.12 ? 172 HIS X CA 1 
ATOM 300 C CA . LEU B 2 173 ? -18.512 4.272    7.494   1.00 24.22 ? 173 LEU X CA 1 
ATOM 301 C CA . PRO B 2 174 ? -21.668 6.395    6.367   1.00 31.40 ? 174 PRO X CA 1 
ATOM 302 C CA . GLU B 2 175 ? -25.156 4.714    6.213   1.00 47.50 ? 175 GLU X CA 1 
ATOM 303 C CA . ALA B 2 176 ? -25.457 3.419    2.584   1.00 30.49 ? 176 ALA X CA 1 
ATOM 304 C CA . THR B 2 177 ? -25.963 0.307    0.309   1.00 36.90 ? 177 THR X CA 1 
ATOM 305 C CA . HIS B 2 178 ? -22.769 -1.826   -0.397  1.00 27.11 ? 178 HIS X CA 1 
ATOM 306 C CA . HIS B 2 179 ? -21.062 -0.593   -3.683  1.00 28.08 ? 179 HIS X CA 1 
ATOM 307 C CA . PHE B 2 180 ? -18.587 -3.457   -4.353  1.00 24.97 ? 180 PHE X CA 1 
ATOM 308 C CA . PRO B 2 181 ? -17.458 -6.875   -5.487  1.00 18.80 ? 181 PRO X CA 1 
ATOM 309 C CA . GLU B 2 182 ? -15.068 -7.549   -2.470  1.00 18.57 ? 182 GLU X CA 1 
ATOM 310 C CA . ASP B 2 183 ? -11.483 -7.511   -4.082  1.00 45.34 ? 183 ASP X CA 1 
ATOM 311 C CA . TYR B 2 184 ? -11.941 -4.269   -6.099  1.00 39.54 ? 184 TYR X CA 1 
ATOM 312 C CA . ILE B 2 185 ? -9.039  -2.163   -7.264  1.00 47.85 ? 185 ILE X CA 1 
ATOM 313 C CA . THR B 2 186 ? -10.552 1.343    -7.845  1.00 47.74 ? 186 THR X CA 1 
ATOM 314 C CA . ASP B 2 187 ? -7.105  1.524    -9.724  1.00 55.07 ? 187 ASP X CA 1 
ATOM 315 C CA . ARG B 2 188 ? -6.553  0.518    -13.493 1.00 71.43 ? 188 ARG X CA 1 
ATOM 316 C CA . SER B 2 189 ? -3.804  1.899    -16.043 1.00 62.13 ? 189 SER X CA 1 
ATOM 317 C CA . GLN B 2 190 ? -0.907  -0.178   -17.691 1.00 56.02 ? 190 GLN X CA 1 
ATOM 318 C CA . ARG B 2 191 ? 0.767   1.167    -14.521 1.00 47.27 ? 191 ARG X CA 1 
ATOM 319 C CA . PHE B 2 192 ? -1.343  -1.566   -12.627 1.00 39.96 ? 192 PHE X CA 1 
ATOM 320 C CA . MET B 2 193 ? -1.250  -5.031   -14.265 1.00 50.02 ? 193 MET X CA 1 
ATOM 321 C CA . ALA B 2 194 ? 2.492   -6.180   -13.719 1.00 54.79 ? 194 ALA X CA 1 
ATOM 322 C CA . SER B 2 195 ? 2.743   -6.484   -9.867  1.00 39.24 ? 195 SER X CA 1 
ATOM 323 C CA . GLU B 2 196 ? -0.681  -7.526   -8.839  1.00 36.84 ? 196 GLU X CA 1 
ATOM 324 C CA . ILE B 2 197 ? 1.249   -10.455  -10.541 1.00 45.40 ? 197 ILE X CA 1 
ATOM 325 C CA . ILE B 2 198 ? 4.284   -9.909   -8.029  1.00 34.16 ? 198 ILE X CA 1 
ATOM 326 C CA . ARG B 2 199 ? 1.398   -9.749   -5.319  1.00 19.30 ? 199 ARG X CA 1 
ATOM 327 C CA . GLU B 2 200 ? 0.597   -13.461  -6.259  1.00 20.69 ? 200 GLU X CA 1 
ATOM 328 C CA . LYS B 2 201 ? 4.342   -14.561  -6.778  1.00 37.86 ? 201 LYS X CA 1 
ATOM 329 C CA . LEU B 2 202 ? 5.579   -13.187  -3.319  1.00 27.60 ? 202 LEU X CA 1 
ATOM 330 C CA . MET B 2 203 ? 2.665   -15.003  -1.476  1.00 29.13 ? 203 MET X CA 1 
ATOM 331 C CA . ARG B 2 204 ? 2.717   -18.256  -3.643  1.00 36.96 ? 204 ARG X CA 1 
ATOM 332 C CA . PHE B 2 205 ? 6.601   -18.845  -3.421  1.00 25.18 ? 205 PHE X CA 1 
ATOM 333 C CA . LEU B 2 206 ? 7.445   -17.371  0.135   1.00 17.00 ? 206 LEU X CA 1 
ATOM 334 C CA . GLY B 2 207 ? 4.162   -18.746  1.783   1.00 20.79 ? 207 GLY X CA 1 
ATOM 335 C CA . ALA B 2 208 ? 4.898   -19.480  5.494   1.00 33.85 ? 208 ALA X CA 1 
ATOM 336 C CA . GLU B 2 209 ? 8.296   -17.554  5.124   1.00 39.00 ? 209 GLU X CA 1 
ATOM 337 C CA . LEU B 2 210 ? 6.411   -14.283  3.999   1.00 31.64 ? 210 LEU X CA 1 
ATOM 338 C CA . PRO B 2 211 ? 7.245   -11.505  6.687   1.00 33.93 ? 211 PRO X CA 1 
ATOM 339 C CA . TYR B 2 212 ? 4.627   -8.972   7.983   1.00 25.85 ? 212 TYR X CA 1 
ATOM 340 C CA . SER B 2 213 ? 5.760   -5.542   6.565   1.00 33.38 ? 213 SER X CA 1 
ATOM 341 C CA . VAL B 2 214 ? 6.785   -6.081   3.009   1.00 27.40 ? 214 VAL X CA 1 
ATOM 342 C CA . THR B 2 215 ? 5.680   -2.726   1.236   1.00 23.68 ? 215 THR X CA 1 
ATOM 343 C CA . VAL B 2 216 ? 5.742   -2.990   -2.582  1.00 30.69 ? 216 VAL X CA 1 
ATOM 344 C CA . GLU B 2 217 ? 6.365   -0.018   -5.312  1.00 46.84 ? 217 GLU X CA 1 
ATOM 345 C CA . ILE B 2 218 ? 7.578   0.979    -9.078  1.00 38.54 ? 218 ILE X CA 1 
ATOM 346 C CA . GLU B 2 219 ? 9.630   4.011    -10.495 1.00 56.51 ? 219 GLU X CA 1 
ATOM 347 C CA . ARG B 2 220 ? 10.280  2.966    -14.241 1.00 59.56 ? 220 ARG X CA 1 
ATOM 348 C CA . PHE B 2 221 ? 7.437   1.638    -16.486 1.00 66.01 ? 221 PHE X CA 1 
ATOM 349 C CA . VAL B 2 222 ? 8.675   2.792    -20.019 1.00 72.51 ? 222 VAL X CA 1 
ATOM 350 C CA . SER B 2 223 ? 8.717   1.955    -23.780 1.00 82.00 ? 223 SER X CA 1 
ATOM 351 C CA . ASN B 2 224 ? 12.330  1.971    -25.276 0.00 0.00  ? 224 ASN X CA 1 
ATOM 352 C CA . GLU B 2 225 ? 14.175  3.748    -28.166 0.00 0.00  ? 225 GLU X CA 1 
ATOM 353 C CA . ARG B 2 226 ? 14.435  0.040    -29.463 0.00 99.08 ? 226 ARG X CA 1 
ATOM 354 C CA . GLY B 2 227 ? 10.685  -0.965   -28.703 0.00 0.00  ? 227 GLY X CA 1 
ATOM 355 C CA . GLY B 2 228 ? 9.162   -3.392   -26.087 0.00 88.26 ? 228 GLY X CA 1 
ATOM 356 C CA . TYR B 2 229 ? 8.483   -2.701   -22.333 1.00 74.38 ? 229 TYR X CA 1 
ATOM 357 C CA . ASP B 2 230 ? 10.975  -1.993   -19.441 1.00 70.96 ? 230 ASP X CA 1 
ATOM 358 C CA . ILE B 2 231 ? 9.459   -2.707   -15.906 1.00 58.34 ? 231 ILE X CA 1 
ATOM 359 C CA . ASN B 2 232 ? 11.271  -2.751   -12.470 1.00 58.60 ? 232 ASN X CA 1 
ATOM 360 C CA . GLY B 2 233 ? 10.307  -4.516   -9.160  1.00 42.05 ? 233 GLY X CA 1 
ATOM 361 C CA . LEU B 2 234 ? 12.299  -3.862   -5.905  1.00 48.73 ? 234 LEU X CA 1 
ATOM 362 C CA . ILE B 2 235 ? 10.830  -5.728   -2.832  1.00 24.72 ? 235 ILE X CA 1 
ATOM 363 C CA . LEU B 2 236 ? 10.999  -3.525   0.440   1.00 24.59 ? 236 LEU X CA 1 
ATOM 364 C CA . VAL B 2 237 ? 10.989  -5.410   3.863   1.00 32.73 ? 237 VAL X CA 1 
ATOM 365 C CA . GLU B 2 238 ? 11.813  -4.793   7.694   1.00 51.16 ? 238 GLU X CA 1 
ATOM 366 C CA . ARG B 2 239 ? 15.009  -6.765   8.697   1.00 61.03 ? 239 ARG X CA 1 
ATOM 367 C CA . GLU B 2 240 ? 18.472  -7.945   7.285   1.00 55.27 ? 240 GLU X CA 1 
ATOM 368 C CA . GLY B 2 241 ? 17.434  -11.698  7.710   1.00 50.79 ? 241 GLY X CA 1 
ATOM 369 C CA . GLN B 2 242 ? 14.000  -10.939  6.018   1.00 39.26 ? 242 GLN X CA 1 
ATOM 370 C CA . LYS B 2 243 ? 15.889  -9.310   2.976   1.00 43.34 ? 243 LYS X CA 1 
ATOM 371 C CA . LYS B 2 244 ? 17.908  -12.651  2.695   1.00 54.83 ? 244 LYS X CA 1 
ATOM 372 C CA . MET B 2 245 ? 14.466  -14.569  2.937   1.00 49.98 ? 245 MET X CA 1 
ATOM 373 C CA . VAL B 2 246 ? 13.068  -12.937  -0.357  1.00 35.22 ? 246 VAL X CA 1 
ATOM 374 C CA . ILE B 2 247 ? 16.567  -13.451  -2.130  1.00 39.76 ? 247 ILE X CA 1 
ATOM 375 C CA . GLY B 2 248 ? 16.868  -17.182  -0.971  1.00 31.09 ? 248 GLY X CA 1 
ATOM 376 C CA . ASN B 2 249 ? 19.306  -20.136  -1.464  1.00 54.09 ? 249 ASN X CA 1 
ATOM 377 C CA . LYS B 2 250 ? 21.882  -18.886  -4.164  1.00 44.04 ? 250 LYS X CA 1 
ATOM 378 C CA . GLY B 2 251 ? 19.235  -16.206  -5.248  1.00 55.08 ? 251 GLY X CA 1 
ATOM 379 C CA . ALA B 2 252 ? 16.723  -19.024  -6.330  1.00 49.20 ? 252 ALA X CA 1 
ATOM 380 C CA . LYS B 2 253 ? 13.580  -17.406  -4.645  1.00 44.12 ? 253 LYS X CA 1 
ATOM 381 C CA . ILE B 2 254 ? 14.074  -13.896  -6.336  1.00 40.68 ? 254 ILE X CA 1 
ATOM 382 C CA . LYS B 2 255 ? 14.932  -15.828  -9.650  1.00 40.59 ? 255 LYS X CA 1 
ATOM 383 C CA . THR B 2 256 ? 11.529  -17.819  -9.493  1.00 25.17 ? 256 THR X CA 1 
ATOM 384 C CA . ILE B 2 257 ? 9.513   -14.601  -8.437  1.00 26.39 ? 257 ILE X CA 1 
ATOM 385 C CA . GLY B 2 258 ? 11.300  -12.718  -11.407 1.00 39.44 ? 258 GLY X CA 1 
ATOM 386 C CA . ILE B 2 259 ? 10.771  -15.377  -14.229 1.00 44.68 ? 259 ILE X CA 1 
ATOM 387 C CA . GLU B 2 260 ? 7.082   -16.220  -13.185 1.00 43.29 ? 260 GLU X CA 1 
ATOM 388 C CA . ALA B 2 261 ? 6.156   -12.442  -12.841 1.00 38.56 ? 261 ALA X CA 1 
ATOM 389 C CA . ARG B 2 262 ? 7.727   -11.726  -16.356 1.00 58.89 ? 262 ARG X CA 1 
ATOM 390 C CA . LYS B 2 263 ? 5.686   -14.756  -17.809 1.00 53.46 ? 263 LYS X CA 1 
ATOM 391 C CA . ASP B 2 264 ? 2.199   -13.423  -16.597 1.00 38.23 ? 264 ASP X CA 1 
ATOM 392 C CA . MET B 2 265 ? 3.258   -9.755   -17.595 1.00 54.20 ? 265 MET X CA 1 
ATOM 393 C CA . GLN B 2 266 ? 3.696   -10.850  -21.321 1.00 71.23 ? 266 GLN X CA 1 
ATOM 394 C CA . GLU B 2 267 ? 0.214   -12.632  -21.024 1.00 56.48 ? 267 GLU X CA 1 
ATOM 395 C CA . MET B 2 268 ? -1.527  -9.388   -19.595 1.00 58.04 ? 268 MET X CA 1 
ATOM 396 C CA . PHE B 2 269 ? 0.480   -6.793   -21.755 1.00 71.36 ? 269 PHE X CA 1 
ATOM 397 C CA . GLU B 2 270 ? 0.624   -7.322   -25.622 1.00 82.14 ? 270 GLU X CA 1 
ATOM 398 C CA . ALA B 2 271 ? 4.519   -6.854   -25.859 1.00 87.27 ? 271 ALA X CA 1 
ATOM 399 C CA . PRO B 2 272 ? 7.788   -8.676   -24.506 1.00 91.90 ? 272 PRO X CA 1 
ATOM 400 C CA . VAL B 2 273 ? 8.836   -7.312   -21.012 1.00 77.69 ? 273 VAL X CA 1 
ATOM 401 C CA . HIS B 2 274 ? 12.419  -6.885   -19.600 1.00 68.94 ? 274 HIS X CA 1 
ATOM 402 C CA . LEU B 2 275 ? 11.682  -7.308   -15.784 1.00 53.60 ? 275 LEU X CA 1 
ATOM 403 C CA . GLU B 2 276 ? 14.305  -6.631   -12.978 1.00 57.26 ? 276 GLU X CA 1 
ATOM 404 C CA . LEU B 2 277 ? 13.809  -7.457   -9.138  1.00 38.83 ? 277 LEU X CA 1 
ATOM 405 C CA . TRP B 2 278 ? 15.957  -6.112   -6.032  1.00 39.36 ? 278 TRP X CA 1 
ATOM 406 C CA . VAL B 2 279 ? 15.066  -6.619   -2.205  1.00 29.41 ? 279 VAL X CA 1 
ATOM 407 C CA . LYS B 2 280 ? 15.747  -4.033   0.791   1.00 43.97 ? 280 LYS X CA 1 
ATOM 408 C CA . VAL B 2 281 ? 15.681  -3.253   4.613   1.00 34.17 ? 281 VAL X CA 1 
ATOM 409 C CA . LYS B 2 282 ? 13.318  -0.082   4.952   1.00 41.69 ? 282 LYS X CA 1 
ATOM 410 C CA . SER B 2 283 ? 16.086  2.317    6.419   1.00 51.43 ? 283 SER X CA 1 
ATOM 411 C CA . GLY B 2 284 ? 18.276  2.711    3.164   1.00 56.66 ? 284 GLY X CA 1 
ATOM 412 C CA . TRP B 2 285 ? 19.109  1.268    -0.358  1.00 56.30 ? 285 TRP X CA 1 
ATOM 413 C CA . ALA B 2 286 ? 22.399  -0.713   -0.870  1.00 40.22 ? 286 ALA X CA 1 
ATOM 414 C CA . ASP B 2 287 ? 24.814  0.303    -3.781  1.00 66.61 ? 287 ASP X CA 1 
ATOM 415 C CA . ASP B 2 288 ? 23.600  -2.823   -5.642  1.00 43.26 ? 288 ASP X CA 1 
ATOM 416 C CA . GLU B 2 289 ? 19.890  -2.410   -4.490  1.00 44.48 ? 289 GLU X CA 1 
ATOM 417 C CA . ARG B 2 290 ? 18.976  1.025    -6.218  1.00 53.17 ? 290 ARG X CA 1 
ATOM 418 C CA . ALA B 2 291 ? 19.611  -0.251   -9.938  1.00 55.16 ? 291 ALA X CA 1 
ATOM 419 C CA . LEU B 2 292 ? 17.051  -3.078   -10.715 1.00 46.23 ? 292 LEU X CA 1 
ATOM 420 C CA . ARG B 2 293 ? 14.911  0.112    -9.980  1.00 72.76 ? 293 ARG X CA 1 
ATOM 421 C CA . SER B 2 294 ? 16.055  1.584    -13.418 1.00 81.84 ? 294 SER X CA 1 
ATOM 422 C CA . LEU B 2 295 ? 16.272  -1.039   -16.285 1.00 76.41 ? 295 LEU X CA 1 
# 
